data_1KKL
#
_entry.id   1KKL
#
_cell.length_a   81.135
_cell.length_b   81.135
_cell.length_c   253.192
_cell.angle_alpha   90
_cell.angle_beta   90
_cell.angle_gamma   120
#
_symmetry.space_group_name_H-M   'P 32 1 2'
#
loop_
_entity.id
_entity.type
_entity.pdbx_description
1 polymer 'HprK protein'
2 polymer 'PHOSPHOCARRIER PROTEIN HPR'
3 non-polymer 'CALCIUM ION'
4 water water
#
loop_
_entity_poly.entity_id
_entity_poly.type
_entity_poly.pdbx_seq_one_letter_code
_entity_poly.pdbx_strand_id
1 'polypeptide(L)'
;MRGSHHHHHHGSMYLDSQLAERRSMHGVLVDIYGLGVLITGDSGVGKSETALELVQRGHRLIADDRVDVYQQDEQTIVGA
APPILSHLLEIRGLGIIDVMNLFGAGAVREDTTISLIVHLENWTPDKTFDRLGSGEQTQLIFDVPVPKITVPVKVGRNLA
IIIEVAAMNFRAKSMGYDATKTFEKNLNHLIEHNEETDQNSSGDK
;
A,B,C
2 'polypeptide(L)'
;MRGSHHHHHHGSMAQKTFKVTADSGIHARPATVLVQTASKYDADVNLEYNGKTVNLKSIMGVMSLGIAKGAEITISASGA
DENDALNALEETMKSERLGE
;
H,I,J
#
loop_
_chem_comp.id
_chem_comp.type
_chem_comp.name
_chem_comp.formula
CA non-polymer 'CALCIUM ION' 'Ca 2'
#
# COMPACT_ATOMS: atom_id res chain seq x y z
N GLU A 21 24.31 28.80 6.95
CA GLU A 21 23.15 29.75 6.94
C GLU A 21 21.84 28.96 7.00
N ARG A 22 20.77 29.53 6.46
CA ARG A 22 19.45 28.88 6.50
C ARG A 22 18.75 28.70 5.15
N ARG A 23 18.67 27.45 4.70
CA ARG A 23 17.99 27.15 3.45
C ARG A 23 16.81 26.25 3.76
N SER A 24 15.79 26.29 2.92
CA SER A 24 14.64 25.42 3.14
C SER A 24 14.64 24.33 2.08
N MET A 25 14.31 23.11 2.50
CA MET A 25 14.29 21.93 1.66
C MET A 25 12.90 21.31 1.59
N HIS A 26 12.62 20.58 0.51
CA HIS A 26 11.34 19.94 0.36
C HIS A 26 11.38 18.50 0.85
N GLY A 27 10.57 18.20 1.85
CA GLY A 27 10.52 16.86 2.41
C GLY A 27 9.84 16.87 3.76
N VAL A 28 9.99 15.79 4.51
CA VAL A 28 9.38 15.70 5.83
C VAL A 28 10.46 15.24 6.79
N LEU A 29 10.61 15.97 7.90
CA LEU A 29 11.63 15.62 8.87
C LEU A 29 10.98 14.99 10.10
N VAL A 30 11.28 13.72 10.36
CA VAL A 30 10.72 13.05 11.52
C VAL A 30 11.83 12.50 12.40
N ASP A 31 11.56 12.44 13.70
CA ASP A 31 12.48 11.92 14.67
C ASP A 31 12.07 10.46 14.84
N ILE A 32 12.87 9.56 14.29
CA ILE A 32 12.60 8.13 14.38
C ILE A 32 13.66 7.47 15.24
N TYR A 33 13.25 6.91 16.38
CA TYR A 33 14.17 6.26 17.30
C TYR A 33 15.34 7.16 17.66
N GLY A 34 15.06 8.44 17.84
CA GLY A 34 16.10 9.39 18.21
C GLY A 34 16.90 9.94 17.05
N LEU A 35 16.74 9.37 15.88
CA LEU A 35 17.48 9.82 14.72
C LEU A 35 16.68 10.78 13.87
N GLY A 36 17.29 11.89 13.47
CA GLY A 36 16.59 12.81 12.61
C GLY A 36 16.62 12.19 11.21
N VAL A 37 15.46 11.90 10.65
CA VAL A 37 15.36 11.30 9.34
C VAL A 37 14.60 12.21 8.40
N LEU A 38 15.26 12.69 7.35
CA LEU A 38 14.62 13.59 6.37
C LEU A 38 14.12 12.76 5.20
N ILE A 39 12.80 12.77 5.00
CA ILE A 39 12.19 12.02 3.91
C ILE A 39 11.97 12.93 2.72
N THR A 40 12.65 12.62 1.61
CA THR A 40 12.53 13.43 0.41
C THR A 40 11.80 12.67 -0.69
N GLY A 41 11.53 13.34 -1.80
CA GLY A 41 10.83 12.68 -2.88
C GLY A 41 9.79 13.54 -3.56
N ASP A 42 9.64 13.35 -4.86
CA ASP A 42 8.69 14.11 -5.67
C ASP A 42 7.34 14.31 -4.99
N SER A 43 6.75 15.47 -5.17
CA SER A 43 5.46 15.74 -4.58
C SER A 43 4.48 14.71 -5.14
N GLY A 44 3.64 14.15 -4.28
CA GLY A 44 2.68 13.16 -4.75
C GLY A 44 3.07 11.75 -4.34
N VAL A 45 4.32 11.60 -3.90
CA VAL A 45 4.81 10.30 -3.48
C VAL A 45 4.20 9.87 -2.14
N GLY A 46 3.60 10.82 -1.43
CA GLY A 46 2.97 10.52 -0.16
C GLY A 46 3.85 10.71 1.07
N LYS A 47 4.71 11.72 1.03
CA LYS A 47 5.59 11.96 2.17
C LYS A 47 4.81 12.22 3.45
N SER A 48 3.80 13.09 3.38
CA SER A 48 2.98 13.42 4.53
C SER A 48 2.23 12.23 5.10
N GLU A 49 1.59 11.45 4.24
CA GLU A 49 0.84 10.29 4.71
C GLU A 49 1.77 9.33 5.44
N THR A 50 2.94 9.07 4.87
CA THR A 50 3.86 8.18 5.54
C THR A 50 4.24 8.78 6.90
N ALA A 51 4.53 10.08 6.93
CA ALA A 51 4.86 10.73 8.18
C ALA A 51 3.72 10.57 9.19
N LEU A 52 2.48 10.65 8.72
CA LEU A 52 1.33 10.50 9.59
C LEU A 52 1.36 9.14 10.28
N GLU A 53 1.67 8.10 9.51
CA GLU A 53 1.73 6.75 10.04
C GLU A 53 2.90 6.58 10.99
N LEU A 54 3.95 7.36 10.79
CA LEU A 54 5.10 7.26 11.68
C LEU A 54 4.79 7.87 13.04
N VAL A 55 4.03 8.97 13.10
CA VAL A 55 3.75 9.54 14.43
C VAL A 55 2.81 8.60 15.18
N GLN A 56 1.95 7.90 14.46
CA GLN A 56 1.05 6.97 15.14
C GLN A 56 1.85 5.83 15.75
N ARG A 57 2.92 5.43 15.09
CA ARG A 57 3.76 4.35 15.60
C ARG A 57 4.66 4.86 16.73
N GLY A 58 4.53 6.13 17.08
CA GLY A 58 5.33 6.67 18.17
C GLY A 58 6.56 7.50 17.81
N HIS A 59 6.59 8.08 16.63
CA HIS A 59 7.74 8.89 16.28
C HIS A 59 7.39 10.36 16.31
N ARG A 60 8.39 11.22 16.22
CA ARG A 60 8.16 12.66 16.29
C ARG A 60 8.22 13.44 14.98
N LEU A 61 7.20 14.25 14.74
CA LEU A 61 7.16 15.06 13.55
C LEU A 61 7.88 16.35 13.81
N ILE A 62 8.89 16.67 13.01
CA ILE A 62 9.58 17.94 13.19
C ILE A 62 9.03 18.94 12.18
N ALA A 63 9.15 18.63 10.89
CA ALA A 63 8.64 19.55 9.87
C ALA A 63 8.08 18.84 8.64
N ASP A 64 6.92 19.31 8.18
CA ASP A 64 6.25 18.75 7.01
C ASP A 64 6.26 19.67 5.80
N ASP A 65 6.72 19.14 4.66
CA ASP A 65 6.76 19.84 3.37
C ASP A 65 7.94 20.79 3.22
N ARG A 66 8.04 21.76 4.12
CA ARG A 66 9.13 22.72 4.07
C ARG A 66 9.99 22.54 5.30
N VAL A 67 11.21 22.10 5.11
CA VAL A 67 12.12 21.90 6.22
C VAL A 67 13.24 22.94 6.18
N ASP A 68 13.23 23.86 7.14
CA ASP A 68 14.27 24.89 7.18
C ASP A 68 15.53 24.37 7.88
N VAL A 69 16.60 24.21 7.11
CA VAL A 69 17.85 23.71 7.66
C VAL A 69 18.94 24.77 7.74
N TYR A 70 19.87 24.56 8.65
CA TYR A 70 21.00 25.44 8.85
C TYR A 70 22.17 24.60 9.38
N GLN A 71 23.39 24.93 9.00
CA GLN A 71 24.54 24.15 9.46
C GLN A 71 25.02 24.56 10.85
N GLN A 72 25.07 23.59 11.77
CA GLN A 72 25.52 23.85 13.14
C GLN A 72 27.03 23.75 13.29
N ASP A 73 27.60 22.62 12.86
CA ASP A 73 29.04 22.41 12.92
C ASP A 73 29.49 22.12 11.51
N GLU A 74 30.59 21.39 11.40
CA GLU A 74 31.12 21.01 10.12
C GLU A 74 30.81 19.54 9.91
N GLN A 75 30.12 18.96 10.88
CA GLN A 75 29.73 17.56 10.83
C GLN A 75 28.23 17.35 11.07
N THR A 76 27.54 18.39 11.56
CA THR A 76 26.11 18.28 11.85
C THR A 76 25.20 19.38 11.28
N ILE A 77 24.00 18.97 10.89
CA ILE A 77 22.99 19.85 10.32
C ILE A 77 21.72 19.78 11.17
N VAL A 78 21.02 20.89 11.26
CA VAL A 78 19.78 20.93 12.04
C VAL A 78 18.60 21.40 11.19
N GLY A 79 17.45 20.78 11.40
CA GLY A 79 16.27 21.15 10.65
C GLY A 79 15.14 21.55 11.58
N ALA A 80 14.18 22.30 11.06
CA ALA A 80 13.04 22.70 11.86
C ALA A 80 11.93 23.17 10.93
N ALA A 81 10.77 23.45 11.50
CA ALA A 81 9.65 23.89 10.69
C ALA A 81 9.41 25.37 10.88
N PRO A 82 9.09 26.08 9.78
CA PRO A 82 8.84 27.51 9.93
C PRO A 82 7.66 27.58 10.89
N PRO A 83 7.69 28.51 11.84
CA PRO A 83 6.58 28.63 12.79
C PRO A 83 5.18 28.44 12.21
N ILE A 84 4.94 28.99 11.04
CA ILE A 84 3.61 28.89 10.42
C ILE A 84 3.16 27.45 10.14
N LEU A 85 4.12 26.54 9.94
CA LEU A 85 3.79 25.15 9.65
C LEU A 85 3.95 24.20 10.87
N SER A 86 4.47 24.73 11.96
CA SER A 86 4.70 23.95 13.17
C SER A 86 3.52 23.06 13.56
N HIS A 87 3.80 21.77 13.72
CA HIS A 87 2.82 20.76 14.10
C HIS A 87 1.87 20.32 13.01
N LEU A 88 1.91 20.96 11.85
CA LEU A 88 0.98 20.63 10.78
C LEU A 88 1.41 19.59 9.74
N LEU A 89 0.39 18.93 9.18
CA LEU A 89 0.54 17.93 8.14
C LEU A 89 -0.61 18.18 7.15
N GLU A 90 -0.29 18.20 5.87
CA GLU A 90 -1.29 18.39 4.82
C GLU A 90 -1.44 17.03 4.18
N ILE A 91 -2.63 16.46 4.27
CA ILE A 91 -2.87 15.14 3.70
C ILE A 91 -3.94 15.22 2.62
N ARG A 92 -3.53 14.89 1.39
CA ARG A 92 -4.45 14.93 0.26
C ARG A 92 -5.78 14.30 0.64
N GLY A 93 -6.85 15.07 0.47
CA GLY A 93 -8.18 14.58 0.80
C GLY A 93 -8.72 15.08 2.13
N LEU A 94 -7.88 15.01 3.17
CA LEU A 94 -8.28 15.44 4.50
C LEU A 94 -8.04 16.92 4.70
N GLY A 95 -6.92 17.40 4.21
CA GLY A 95 -6.61 18.80 4.38
C GLY A 95 -5.48 18.93 5.36
N ILE A 96 -5.54 19.97 6.18
CA ILE A 96 -4.49 20.19 7.16
C ILE A 96 -4.87 19.58 8.49
N ILE A 97 -3.93 18.87 9.11
CA ILE A 97 -4.19 18.30 10.42
C ILE A 97 -3.07 18.72 11.36
N ASP A 98 -3.43 18.87 12.63
CA ASP A 98 -2.49 19.26 13.65
C ASP A 98 -2.24 18.01 14.51
N VAL A 99 -1.08 17.38 14.31
CA VAL A 99 -0.75 16.16 15.03
C VAL A 99 -0.51 16.39 16.51
N MET A 100 -0.17 17.61 16.88
CA MET A 100 0.03 17.91 18.29
C MET A 100 -1.33 17.86 18.95
N ASN A 101 -2.34 18.25 18.20
CA ASN A 101 -3.70 18.27 18.70
C ASN A 101 -4.40 16.92 18.63
N LEU A 102 -3.99 16.09 17.68
CA LEU A 102 -4.60 14.77 17.55
C LEU A 102 -3.85 13.67 18.29
N PHE A 103 -2.57 13.87 18.56
CA PHE A 103 -1.80 12.85 19.24
C PHE A 103 -1.05 13.30 20.48
N GLY A 104 -1.03 14.61 20.74
CA GLY A 104 -0.35 15.13 21.91
C GLY A 104 1.14 15.39 21.77
N ALA A 105 1.74 15.89 22.85
CA ALA A 105 3.16 16.24 22.86
C ALA A 105 4.09 15.14 22.37
N GLY A 106 3.73 13.90 22.61
CA GLY A 106 4.61 12.82 22.18
C GLY A 106 4.75 12.66 20.69
N ALA A 107 4.05 13.49 19.92
CA ALA A 107 4.10 13.38 18.47
C ALA A 107 4.93 14.44 17.79
N VAL A 108 5.37 15.45 18.54
CA VAL A 108 6.15 16.52 17.93
C VAL A 108 7.49 16.80 18.61
N ARG A 109 8.28 17.64 17.98
CA ARG A 109 9.59 18.02 18.49
C ARG A 109 10.02 19.29 17.75
N GLU A 110 10.51 20.29 18.50
CA GLU A 110 10.91 21.58 17.92
C GLU A 110 11.91 21.43 16.78
N ASP A 111 12.89 20.56 16.92
CA ASP A 111 13.88 20.34 15.87
C ASP A 111 14.73 19.10 16.10
N THR A 112 15.68 18.87 15.21
CA THR A 112 16.55 17.71 15.37
C THR A 112 17.67 17.75 14.35
N THR A 113 18.83 17.21 14.72
CA THR A 113 19.97 17.15 13.82
C THR A 113 19.59 16.05 12.83
N ILE A 114 19.90 16.27 11.56
CA ILE A 114 19.57 15.29 10.52
C ILE A 114 20.64 14.22 10.42
N SER A 115 20.28 12.98 10.68
CA SER A 115 21.23 11.88 10.61
C SER A 115 21.14 11.05 9.35
N LEU A 116 19.93 10.80 8.88
CA LEU A 116 19.72 9.97 7.70
C LEU A 116 18.74 10.57 6.71
N ILE A 117 18.91 10.29 5.43
CA ILE A 117 17.98 10.80 4.43
C ILE A 117 17.43 9.61 3.68
N VAL A 118 16.11 9.48 3.60
CA VAL A 118 15.59 8.38 2.81
C VAL A 118 14.72 8.98 1.72
N HIS A 119 15.22 8.86 0.50
CA HIS A 119 14.57 9.39 -0.67
C HIS A 119 13.63 8.37 -1.30
N LEU A 120 12.35 8.73 -1.40
CA LEU A 120 11.36 7.84 -1.97
C LEU A 120 11.28 8.04 -3.49
N GLU A 121 11.87 7.12 -4.24
CA GLU A 121 11.86 7.22 -5.70
C GLU A 121 10.65 6.47 -6.22
N ASN A 122 10.07 6.92 -7.32
CA ASN A 122 8.93 6.20 -7.86
C ASN A 122 9.49 5.05 -8.69
N TRP A 123 9.14 3.83 -8.30
CA TRP A 123 9.62 2.65 -9.01
C TRP A 123 9.17 2.50 -10.46
N THR A 124 10.13 2.19 -11.32
CA THR A 124 9.92 1.98 -12.76
C THR A 124 10.98 0.94 -13.19
N PRO A 125 10.55 -0.12 -13.91
CA PRO A 125 11.48 -1.17 -14.35
C PRO A 125 12.79 -0.68 -14.97
N ASP A 126 12.70 0.15 -16.01
CA ASP A 126 13.89 0.68 -16.69
C ASP A 126 14.61 1.69 -15.79
N GLU A 136 27.41 2.37 0.31
CA GLU A 136 27.05 3.71 0.78
C GLU A 136 26.57 4.69 -0.30
N GLN A 137 26.07 5.84 0.19
CA GLN A 137 25.55 6.93 -0.64
C GLN A 137 25.54 8.17 0.25
N THR A 138 25.54 9.35 -0.38
CA THR A 138 25.57 10.61 0.35
C THR A 138 24.93 11.78 -0.37
N GLN A 139 24.43 12.75 0.40
CA GLN A 139 23.86 13.95 -0.15
C GLN A 139 24.34 15.13 0.69
N LEU A 140 24.79 16.19 0.02
CA LEU A 140 25.31 17.35 0.72
C LEU A 140 24.26 18.39 1.05
N ILE A 141 24.36 18.91 2.27
CA ILE A 141 23.47 19.95 2.76
C ILE A 141 24.44 20.87 3.46
N PHE A 142 24.73 22.02 2.84
CA PHE A 142 25.68 22.96 3.40
C PHE A 142 27.03 22.29 3.61
N ASP A 143 27.56 21.71 2.55
CA ASP A 143 28.87 21.07 2.61
C ASP A 143 29.13 20.04 3.71
N VAL A 144 28.06 19.41 4.17
CA VAL A 144 28.22 18.33 5.14
C VAL A 144 27.51 17.20 4.42
N PRO A 145 28.21 16.07 4.24
CA PRO A 145 27.64 14.90 3.55
C PRO A 145 26.77 14.08 4.48
N VAL A 146 25.48 14.07 4.20
CA VAL A 146 24.54 13.31 5.01
C VAL A 146 24.28 12.00 4.29
N PRO A 147 24.35 10.87 5.02
CA PRO A 147 24.11 9.57 4.42
C PRO A 147 22.69 9.48 3.87
N LYS A 148 22.53 8.79 2.75
CA LYS A 148 21.23 8.68 2.13
C LYS A 148 20.95 7.28 1.62
N ILE A 149 19.68 6.90 1.59
CA ILE A 149 19.30 5.61 1.04
C ILE A 149 18.06 5.89 0.20
N THR A 150 17.87 5.10 -0.85
CA THR A 150 16.74 5.29 -1.73
C THR A 150 15.87 4.06 -1.73
N VAL A 151 14.61 4.21 -1.32
CA VAL A 151 13.68 3.07 -1.31
C VAL A 151 12.64 3.26 -2.41
N PRO A 152 12.32 2.19 -3.13
CA PRO A 152 11.33 2.29 -4.21
C PRO A 152 9.87 2.27 -3.74
N VAL A 153 9.07 3.19 -4.28
CA VAL A 153 7.66 3.23 -3.95
C VAL A 153 7.03 2.28 -4.96
N LYS A 154 6.45 1.20 -4.47
CA LYS A 154 5.84 0.21 -5.36
C LYS A 154 4.65 -0.45 -4.64
N VAL A 155 3.61 -0.78 -5.38
CA VAL A 155 2.42 -1.39 -4.78
C VAL A 155 2.75 -2.47 -3.76
N GLY A 156 2.05 -2.45 -2.64
CA GLY A 156 2.25 -3.46 -1.61
C GLY A 156 3.28 -3.15 -0.55
N ARG A 157 4.15 -2.20 -0.83
CA ARG A 157 5.18 -1.81 0.12
C ARG A 157 4.57 -0.91 1.19
N ASN A 158 4.92 -1.15 2.46
CA ASN A 158 4.43 -0.27 3.51
C ASN A 158 5.63 0.67 3.80
N LEU A 159 5.61 1.85 3.18
CA LEU A 159 6.71 2.80 3.32
C LEU A 159 7.09 3.19 4.75
N ALA A 160 6.09 3.40 5.60
CA ALA A 160 6.37 3.78 6.97
C ALA A 160 7.23 2.72 7.66
N ILE A 161 6.90 1.45 7.43
CA ILE A 161 7.64 0.35 8.03
C ILE A 161 9.09 0.27 7.54
N ILE A 162 9.31 0.48 6.24
CA ILE A 162 10.65 0.39 5.70
C ILE A 162 11.54 1.54 6.20
N ILE A 163 10.99 2.75 6.23
CA ILE A 163 11.74 3.92 6.69
C ILE A 163 12.06 3.73 8.17
N GLU A 164 11.08 3.24 8.91
CA GLU A 164 11.30 3.00 10.33
C GLU A 164 12.43 2.01 10.52
N VAL A 165 12.45 0.94 9.73
CA VAL A 165 13.53 -0.04 9.87
C VAL A 165 14.87 0.51 9.36
N ALA A 166 14.82 1.34 8.33
CA ALA A 166 16.04 1.98 7.81
C ALA A 166 16.71 2.75 8.94
N ALA A 167 15.91 3.47 9.72
CA ALA A 167 16.45 4.23 10.86
C ALA A 167 16.97 3.23 11.89
N MET A 168 16.15 2.24 12.18
CA MET A 168 16.48 1.21 13.14
C MET A 168 17.81 0.52 12.81
N ASN A 169 17.98 0.19 11.53
CA ASN A 169 19.18 -0.48 11.07
C ASN A 169 20.37 0.48 11.13
N PHE A 170 20.13 1.74 10.77
CA PHE A 170 21.17 2.76 10.80
C PHE A 170 21.69 2.82 12.22
N ARG A 171 20.77 2.91 13.17
CA ARG A 171 21.16 2.98 14.56
C ARG A 171 21.98 1.76 14.96
N ALA A 172 21.53 0.57 14.56
CA ALA A 172 22.24 -0.66 14.90
C ALA A 172 23.68 -0.64 14.40
N LYS A 173 23.88 -0.15 13.18
CA LYS A 173 25.23 -0.10 12.63
C LYS A 173 26.11 0.84 13.45
N SER A 174 25.49 1.85 14.07
CA SER A 174 26.25 2.77 14.90
C SER A 174 26.68 2.04 16.16
N MET A 175 25.81 1.15 16.65
CA MET A 175 26.09 0.39 17.85
C MET A 175 27.09 -0.72 17.57
N GLY A 176 27.48 -0.85 16.32
CA GLY A 176 28.45 -1.87 15.95
C GLY A 176 27.90 -3.14 15.32
N TYR A 177 26.62 -3.14 14.97
CA TYR A 177 26.04 -4.33 14.35
C TYR A 177 25.70 -4.08 12.88
N ASP A 178 26.63 -4.43 12.01
CA ASP A 178 26.44 -4.25 10.58
C ASP A 178 26.14 -5.59 9.92
N ALA A 179 24.87 -5.86 9.67
CA ALA A 179 24.42 -7.11 9.08
C ALA A 179 25.04 -7.41 7.71
N THR A 180 25.21 -6.36 6.90
CA THR A 180 25.79 -6.49 5.57
C THR A 180 27.25 -6.90 5.63
N LYS A 181 28.04 -6.14 6.37
CA LYS A 181 29.46 -6.42 6.52
C LYS A 181 29.67 -7.79 7.10
N THR A 182 28.82 -8.19 8.04
CA THR A 182 28.95 -9.51 8.66
C THR A 182 28.60 -10.60 7.65
N PHE A 183 27.59 -10.36 6.83
CA PHE A 183 27.20 -11.37 5.86
C PHE A 183 28.27 -11.55 4.79
N GLU A 184 28.77 -10.44 4.26
CA GLU A 184 29.79 -10.52 3.23
C GLU A 184 30.99 -11.29 3.76
N LYS A 185 31.26 -11.15 5.05
CA LYS A 185 32.37 -11.86 5.65
C LYS A 185 32.02 -13.34 5.65
N ASN A 186 30.81 -13.67 6.09
CA ASN A 186 30.39 -15.06 6.12
C ASN A 186 30.31 -15.65 4.71
N LEU A 187 30.00 -14.83 3.71
CA LEU A 187 29.88 -15.30 2.33
C LEU A 187 31.22 -15.67 1.74
N ASN A 188 32.21 -14.82 1.99
CA ASN A 188 33.53 -15.10 1.46
C ASN A 188 34.08 -16.38 2.07
N HIS A 189 33.83 -16.62 3.34
CA HIS A 189 34.33 -17.84 3.95
C HIS A 189 33.66 -19.04 3.29
N LEU A 190 32.40 -18.89 2.92
CA LEU A 190 31.65 -19.96 2.27
C LEU A 190 32.16 -20.23 0.85
N ILE A 191 32.49 -19.16 0.14
CA ILE A 191 33.00 -19.29 -1.22
C ILE A 191 34.40 -19.89 -1.16
N GLU A 192 35.28 -19.29 -0.37
CA GLU A 192 36.65 -19.77 -0.21
C GLU A 192 36.62 -21.23 0.19
N HIS A 193 35.63 -21.60 1.01
CA HIS A 193 35.47 -22.98 1.45
C HIS A 193 34.99 -23.89 0.33
N ASN A 194 33.99 -23.43 -0.42
CA ASN A 194 33.44 -24.25 -1.50
C ASN A 194 34.46 -24.57 -2.60
N GLU A 195 35.58 -23.85 -2.62
CA GLU A 195 36.62 -24.13 -3.61
C GLU A 195 37.16 -25.54 -3.32
N GLU A 196 36.63 -26.15 -2.27
CA GLU A 196 37.00 -27.49 -1.84
C GLU A 196 38.51 -27.54 -1.56
N GLU B 21 16.39 -35.54 1.43
CA GLU B 21 16.74 -34.76 0.21
C GLU B 21 16.11 -33.37 0.29
N ARG B 22 16.94 -32.34 0.23
CA ARG B 22 16.42 -30.98 0.30
C ARG B 22 16.19 -30.38 -1.08
N ARG B 23 15.11 -29.63 -1.19
CA ARG B 23 14.76 -28.94 -2.43
C ARG B 23 14.61 -27.46 -2.04
N SER B 24 15.21 -26.57 -2.83
CA SER B 24 15.14 -25.14 -2.55
C SER B 24 13.97 -24.48 -3.26
N MET B 25 13.18 -23.71 -2.52
CA MET B 25 12.03 -23.00 -3.12
C MET B 25 12.20 -21.50 -2.95
N HIS B 26 11.61 -20.73 -3.85
CA HIS B 26 11.70 -19.29 -3.77
C HIS B 26 10.47 -18.71 -3.07
N GLY B 27 10.72 -18.05 -1.96
CA GLY B 27 9.63 -17.45 -1.19
C GLY B 27 10.11 -17.08 0.20
N VAL B 28 9.18 -16.80 1.09
CA VAL B 28 9.53 -16.43 2.46
C VAL B 28 8.69 -17.29 3.39
N LEU B 29 9.34 -17.94 4.33
CA LEU B 29 8.62 -18.82 5.27
C LEU B 29 8.53 -18.15 6.63
N VAL B 30 7.31 -17.87 7.06
CA VAL B 30 7.11 -17.24 8.35
C VAL B 30 6.18 -18.07 9.21
N ASP B 31 6.39 -17.98 10.51
CA ASP B 31 5.58 -18.69 11.47
C ASP B 31 4.55 -17.65 11.90
N ILE B 32 3.31 -17.84 11.45
CA ILE B 32 2.22 -16.92 11.77
C ILE B 32 1.20 -17.66 12.63
N TYR B 33 1.05 -17.21 13.88
CA TYR B 33 0.10 -17.85 14.80
C TYR B 33 0.34 -19.35 14.91
N GLY B 34 1.61 -19.76 14.91
CA GLY B 34 1.94 -21.17 15.03
C GLY B 34 1.91 -21.94 13.73
N LEU B 35 1.38 -21.34 12.69
CA LEU B 35 1.28 -22.00 11.40
C LEU B 35 2.42 -21.64 10.47
N GLY B 36 3.04 -22.64 9.86
CA GLY B 36 4.09 -22.35 8.91
C GLY B 36 3.41 -21.84 7.65
N VAL B 37 3.70 -20.61 7.25
CA VAL B 37 3.09 -20.03 6.06
C VAL B 37 4.16 -19.67 5.06
N LEU B 38 4.13 -20.30 3.90
CA LEU B 38 5.14 -20.03 2.86
C LEU B 38 4.58 -18.99 1.90
N ILE B 39 5.24 -17.85 1.81
CA ILE B 39 4.78 -16.80 0.92
C ILE B 39 5.55 -16.86 -0.39
N THR B 40 4.84 -17.11 -1.48
CA THR B 40 5.47 -17.20 -2.80
C THR B 40 5.05 -16.03 -3.68
N GLY B 41 5.67 -15.94 -4.86
CA GLY B 41 5.36 -14.84 -5.77
C GLY B 41 6.57 -14.26 -6.46
N ASP B 42 6.35 -13.83 -7.71
CA ASP B 42 7.41 -13.24 -8.54
C ASP B 42 8.29 -12.28 -7.77
N SER B 43 9.58 -12.31 -8.08
CA SER B 43 10.52 -11.43 -7.42
C SER B 43 10.06 -9.99 -7.72
N GLY B 44 10.09 -9.14 -6.71
CA GLY B 44 9.67 -7.76 -6.92
C GLY B 44 8.30 -7.48 -6.33
N VAL B 45 7.58 -8.55 -5.99
CA VAL B 45 6.27 -8.42 -5.42
C VAL B 45 6.34 -7.90 -3.97
N GLY B 46 7.52 -7.97 -3.38
CA GLY B 46 7.69 -7.48 -2.02
C GLY B 46 7.53 -8.53 -0.93
N LYS B 47 7.96 -9.75 -1.19
CA LYS B 47 7.84 -10.81 -0.20
C LYS B 47 8.58 -10.45 1.10
N SER B 48 9.82 -9.99 0.98
CA SER B 48 10.64 -9.63 2.13
C SER B 48 10.05 -8.50 2.94
N GLU B 49 9.61 -7.44 2.27
CA GLU B 49 9.02 -6.31 2.99
C GLU B 49 7.80 -6.76 3.77
N THR B 50 6.93 -7.55 3.16
CA THR B 50 5.77 -8.02 3.88
C THR B 50 6.22 -8.85 5.09
N ALA B 51 7.21 -9.71 4.88
CA ALA B 51 7.73 -10.52 5.98
C ALA B 51 8.26 -9.62 7.09
N LEU B 52 8.89 -8.52 6.72
CA LEU B 52 9.43 -7.59 7.72
C LEU B 52 8.32 -7.06 8.61
N GLU B 53 7.19 -6.71 8.00
CA GLU B 53 6.04 -6.19 8.74
C GLU B 53 5.40 -7.29 9.58
N LEU B 54 5.53 -8.54 9.16
CA LEU B 54 4.96 -9.62 9.94
C LEU B 54 5.77 -9.87 11.22
N VAL B 55 7.10 -9.75 11.18
CA VAL B 55 7.86 -9.99 12.40
C VAL B 55 7.58 -8.86 13.38
N GLN B 56 7.36 -7.65 12.86
CA GLN B 56 7.06 -6.54 13.76
C GLN B 56 5.75 -6.78 14.47
N ARG B 57 4.80 -7.41 13.78
CA ARG B 57 3.51 -7.70 14.38
C ARG B 57 3.58 -8.89 15.32
N GLY B 58 4.79 -9.44 15.49
CA GLY B 58 4.96 -10.56 16.39
C GLY B 58 5.03 -11.95 15.82
N HIS B 59 5.38 -12.09 14.54
CA HIS B 59 5.48 -13.41 13.97
C HIS B 59 6.94 -13.82 13.79
N ARG B 60 7.17 -15.09 13.49
CA ARG B 60 8.53 -15.59 13.34
C ARG B 60 9.02 -15.81 11.91
N LEU B 61 10.21 -15.28 11.63
CA LEU B 61 10.82 -15.44 10.32
C LEU B 61 11.61 -16.74 10.31
N ILE B 62 11.31 -17.63 9.38
CA ILE B 62 12.08 -18.86 9.30
C ILE B 62 13.10 -18.69 8.19
N ALA B 63 12.65 -18.46 6.97
CA ALA B 63 13.59 -18.31 5.86
C ALA B 63 13.16 -17.29 4.82
N ASP B 64 14.10 -16.44 4.39
CA ASP B 64 13.83 -15.41 3.40
C ASP B 64 14.50 -15.65 2.05
N ASP B 65 13.69 -15.63 0.97
CA ASP B 65 14.16 -15.79 -0.41
C ASP B 65 14.40 -17.24 -0.82
N ARG B 66 15.27 -17.92 -0.10
CA ARG B 66 15.54 -19.31 -0.39
C ARG B 66 15.07 -20.17 0.78
N VAL B 67 14.05 -20.99 0.53
CA VAL B 67 13.54 -21.85 1.58
C VAL B 67 13.88 -23.30 1.26
N ASP B 68 14.76 -23.91 2.05
CA ASP B 68 15.14 -25.31 1.85
C ASP B 68 14.13 -26.24 2.49
N VAL B 69 13.40 -26.97 1.66
CA VAL B 69 12.39 -27.89 2.17
C VAL B 69 12.76 -29.35 1.99
N TYR B 70 12.19 -30.20 2.83
CA TYR B 70 12.41 -31.63 2.77
C TYR B 70 11.16 -32.31 3.29
N GLN B 71 10.77 -33.37 2.59
CA GLN B 71 9.57 -34.12 2.96
C GLN B 71 9.90 -34.91 4.22
N GLN B 72 8.88 -35.23 5.00
CA GLN B 72 9.10 -35.97 6.23
C GLN B 72 8.05 -37.05 6.36
N ASP B 73 6.82 -36.65 6.65
CA ASP B 73 5.71 -37.61 6.77
C ASP B 73 5.10 -37.74 5.40
N GLU B 74 4.00 -38.49 5.33
CA GLU B 74 3.28 -38.67 4.08
C GLU B 74 2.48 -37.39 3.83
N GLN B 75 2.38 -36.57 4.87
CA GLN B 75 1.63 -35.31 4.79
C GLN B 75 2.36 -34.16 5.46
N THR B 76 3.65 -34.33 5.72
CA THR B 76 4.42 -33.27 6.38
C THR B 76 5.64 -32.80 5.60
N ILE B 77 5.78 -31.48 5.51
CA ILE B 77 6.90 -30.84 4.83
C ILE B 77 7.55 -29.88 5.82
N VAL B 78 8.87 -29.85 5.86
CA VAL B 78 9.59 -28.95 6.77
C VAL B 78 10.52 -28.02 5.98
N GLY B 79 10.55 -26.75 6.38
CA GLY B 79 11.41 -25.79 5.71
C GLY B 79 12.37 -25.15 6.67
N ALA B 80 13.45 -24.59 6.13
CA ALA B 80 14.44 -23.92 6.97
C ALA B 80 15.30 -23.05 6.08
N ALA B 81 16.18 -22.27 6.70
CA ALA B 81 17.04 -21.39 5.93
C ALA B 81 18.45 -21.92 5.90
N PRO B 82 19.12 -21.81 4.75
CA PRO B 82 20.50 -22.30 4.70
C PRO B 82 21.23 -21.48 5.74
N PRO B 83 22.12 -22.09 6.53
CA PRO B 83 22.85 -21.33 7.55
C PRO B 83 23.31 -19.94 7.14
N ILE B 84 23.84 -19.81 5.93
CA ILE B 84 24.34 -18.52 5.45
C ILE B 84 23.28 -17.39 5.46
N LEU B 85 22.01 -17.75 5.30
CA LEU B 85 20.92 -16.77 5.26
C LEU B 85 20.14 -16.65 6.58
N SER B 86 20.44 -17.52 7.53
CA SER B 86 19.75 -17.52 8.80
C SER B 86 19.60 -16.14 9.42
N HIS B 87 18.35 -15.78 9.76
CA HIS B 87 18.02 -14.51 10.41
C HIS B 87 18.01 -13.30 9.49
N LEU B 88 18.45 -13.48 8.24
CA LEU B 88 18.50 -12.34 7.32
C LEU B 88 17.32 -12.06 6.41
N LEU B 89 17.20 -10.78 6.05
CA LEU B 89 16.18 -10.28 5.16
C LEU B 89 16.87 -9.25 4.27
N GLU B 90 16.59 -9.32 2.98
CA GLU B 90 17.17 -8.39 2.02
C GLU B 90 16.00 -7.51 1.60
N ILE B 91 16.12 -6.22 1.90
CA ILE B 91 15.05 -5.29 1.56
C ILE B 91 15.55 -4.23 0.57
N ARG B 92 14.94 -4.22 -0.60
CA ARG B 92 15.33 -3.29 -1.65
C ARG B 92 15.48 -1.90 -1.06
N GLY B 93 16.67 -1.33 -1.25
CA GLY B 93 16.95 0.00 -0.73
C GLY B 93 17.75 0.02 0.56
N LEU B 94 17.36 -0.83 1.52
CA LEU B 94 18.05 -0.89 2.81
C LEU B 94 19.23 -1.83 2.78
N GLY B 95 19.05 -2.95 2.10
CA GLY B 95 20.13 -3.92 2.02
C GLY B 95 19.76 -5.12 2.87
N ILE B 96 20.77 -5.70 3.52
CA ILE B 96 20.52 -6.86 4.34
C ILE B 96 20.30 -6.45 5.78
N ILE B 97 19.28 -7.00 6.42
CA ILE B 97 19.03 -6.71 7.82
C ILE B 97 18.93 -8.02 8.57
N ASP B 98 19.33 -7.98 9.84
CA ASP B 98 19.30 -9.15 10.69
C ASP B 98 18.18 -8.90 11.68
N VAL B 99 17.05 -9.57 11.48
CA VAL B 99 15.88 -9.39 12.34
C VAL B 99 16.08 -9.93 13.74
N MET B 100 17.01 -10.86 13.90
CA MET B 100 17.29 -11.41 15.23
C MET B 100 17.99 -10.32 16.01
N ASN B 101 18.76 -9.51 15.29
CA ASN B 101 19.50 -8.42 15.90
C ASN B 101 18.66 -7.15 16.10
N LEU B 102 17.64 -6.97 15.27
CA LEU B 102 16.81 -5.79 15.40
C LEU B 102 15.56 -6.03 16.23
N PHE B 103 15.12 -7.27 16.34
CA PHE B 103 13.91 -7.56 17.09
C PHE B 103 14.03 -8.62 18.16
N GLY B 104 15.18 -9.29 18.21
CA GLY B 104 15.39 -10.31 19.23
C GLY B 104 14.89 -11.71 18.91
N ALA B 105 15.11 -12.63 19.84
CA ALA B 105 14.72 -14.02 19.69
C ALA B 105 13.27 -14.22 19.28
N GLY B 106 12.39 -13.34 19.73
CA GLY B 106 10.99 -13.51 19.40
C GLY B 106 10.63 -13.32 17.93
N ALA B 107 11.63 -12.99 17.12
CA ALA B 107 11.37 -12.77 15.71
C ALA B 107 11.83 -13.89 14.80
N VAL B 108 12.55 -14.87 15.34
CA VAL B 108 13.03 -15.97 14.51
C VAL B 108 12.67 -17.36 15.00
N ARG B 109 12.94 -18.35 14.17
CA ARG B 109 12.68 -19.75 14.50
C ARG B 109 13.50 -20.63 13.56
N GLU B 110 14.19 -21.64 14.10
CA GLU B 110 15.04 -22.50 13.28
C GLU B 110 14.33 -23.13 12.09
N ASP B 111 13.10 -23.57 12.29
CA ASP B 111 12.34 -24.16 11.19
C ASP B 111 10.86 -24.34 11.53
N THR B 112 10.10 -24.92 10.61
CA THR B 112 8.69 -25.13 10.83
C THR B 112 8.07 -25.96 9.73
N THR B 113 7.06 -26.75 10.09
CA THR B 113 6.39 -27.56 9.10
C THR B 113 5.54 -26.55 8.30
N ILE B 114 5.46 -26.72 6.99
CA ILE B 114 4.69 -25.81 6.16
C ILE B 114 3.23 -26.22 6.10
N SER B 115 2.35 -25.36 6.61
CA SER B 115 0.91 -25.65 6.63
C SER B 115 0.12 -24.98 5.51
N LEU B 116 0.48 -23.73 5.20
CA LEU B 116 -0.25 -22.98 4.19
C LEU B 116 0.68 -22.25 3.22
N ILE B 117 0.19 -22.09 2.00
CA ILE B 117 0.95 -21.39 0.99
C ILE B 117 0.12 -20.21 0.53
N VAL B 118 0.70 -19.02 0.62
CA VAL B 118 -0.01 -17.82 0.19
C VAL B 118 0.81 -17.27 -0.95
N HIS B 119 0.25 -17.34 -2.15
CA HIS B 119 0.95 -16.85 -3.33
C HIS B 119 0.49 -15.44 -3.66
N LEU B 120 1.43 -14.52 -3.74
CA LEU B 120 1.11 -13.12 -4.06
C LEU B 120 1.21 -12.87 -5.54
N GLU B 121 0.07 -12.91 -6.23
CA GLU B 121 0.04 -12.70 -7.67
C GLU B 121 -0.30 -11.26 -7.95
N ASN B 122 0.45 -10.61 -8.84
CA ASN B 122 0.13 -9.24 -9.17
C ASN B 122 -1.24 -9.19 -9.84
N TRP B 123 -2.15 -8.41 -9.26
CA TRP B 123 -3.51 -8.26 -9.75
C TRP B 123 -3.62 -7.92 -11.24
N THR B 124 -4.48 -8.67 -11.93
CA THR B 124 -4.70 -8.49 -13.36
C THR B 124 -6.06 -9.02 -13.80
N PRO B 125 -6.81 -8.21 -14.57
CA PRO B 125 -8.15 -8.57 -15.08
C PRO B 125 -8.20 -9.98 -15.67
N GLY B 135 -11.74 -20.86 -3.52
CA GLY B 135 -12.11 -22.21 -3.12
C GLY B 135 -10.92 -23.11 -2.84
N GLU B 136 -11.18 -24.38 -2.53
CA GLU B 136 -10.11 -25.33 -2.24
C GLU B 136 -9.08 -25.36 -3.37
N GLN B 137 -7.81 -25.38 -2.99
CA GLN B 137 -6.72 -25.38 -3.95
C GLN B 137 -5.44 -25.75 -3.21
N THR B 138 -4.61 -26.57 -3.83
CA THR B 138 -3.38 -26.99 -3.19
C THR B 138 -2.25 -27.13 -4.18
N GLN B 139 -1.04 -26.85 -3.72
CA GLN B 139 0.17 -26.99 -4.52
C GLN B 139 0.96 -28.09 -3.85
N LEU B 140 1.53 -29.00 -4.63
CA LEU B 140 2.28 -30.07 -4.00
C LEU B 140 3.78 -29.85 -3.97
N ILE B 141 4.32 -29.61 -2.79
CA ILE B 141 5.74 -29.41 -2.58
C ILE B 141 6.25 -30.80 -2.29
N PHE B 142 7.24 -31.25 -3.05
CA PHE B 142 7.82 -32.56 -2.82
C PHE B 142 6.78 -33.64 -2.77
N ASP B 143 5.82 -33.64 -3.68
CA ASP B 143 4.86 -34.76 -3.64
C ASP B 143 3.94 -34.89 -2.41
N VAL B 144 3.52 -33.76 -1.85
CA VAL B 144 2.60 -33.71 -0.70
C VAL B 144 1.82 -32.41 -0.83
N PRO B 145 0.48 -32.51 -1.00
CA PRO B 145 -0.46 -31.41 -1.16
C PRO B 145 -0.52 -30.37 -0.04
N VAL B 146 -0.07 -29.17 -0.34
CA VAL B 146 -0.09 -28.06 0.62
C VAL B 146 -1.18 -27.08 0.19
N PRO B 147 -2.07 -26.70 1.11
CA PRO B 147 -3.16 -25.77 0.83
C PRO B 147 -2.59 -24.43 0.38
N LYS B 148 -3.14 -23.88 -0.69
CA LYS B 148 -2.65 -22.62 -1.19
C LYS B 148 -3.77 -21.62 -1.44
N ILE B 149 -3.47 -20.34 -1.28
CA ILE B 149 -4.44 -19.30 -1.58
C ILE B 149 -3.66 -18.23 -2.35
N THR B 150 -4.36 -17.52 -3.22
CA THR B 150 -3.71 -16.50 -4.02
C THR B 150 -4.34 -15.15 -3.74
N VAL B 151 -3.55 -14.20 -3.26
CA VAL B 151 -4.09 -12.87 -2.98
C VAL B 151 -3.51 -11.89 -3.99
N PRO B 152 -4.33 -10.97 -4.50
CA PRO B 152 -3.85 -10.00 -5.49
C PRO B 152 -3.10 -8.83 -4.90
N VAL B 153 -1.97 -8.49 -5.51
CA VAL B 153 -1.20 -7.33 -5.07
C VAL B 153 -1.78 -6.17 -5.86
N LYS B 154 -2.37 -5.22 -5.16
CA LYS B 154 -3.02 -4.10 -5.82
C LYS B 154 -2.93 -2.88 -4.90
N VAL B 155 -2.76 -1.69 -5.48
CA VAL B 155 -2.64 -0.47 -4.68
C VAL B 155 -3.65 -0.39 -3.53
N GLY B 156 -3.17 0.04 -2.37
CA GLY B 156 -4.05 0.19 -1.23
C GLY B 156 -4.19 -1.02 -0.33
N ARG B 157 -3.81 -2.18 -0.83
CA ARG B 157 -3.89 -3.40 -0.04
C ARG B 157 -2.72 -3.49 0.91
N ASN B 158 -2.97 -3.86 2.15
CA ASN B 158 -1.88 -4.02 3.11
C ASN B 158 -1.64 -5.53 3.14
N LEU B 159 -0.68 -6.00 2.34
CA LEU B 159 -0.38 -7.43 2.24
C LEU B 159 -0.11 -8.17 3.53
N ALA B 160 0.66 -7.56 4.44
CA ALA B 160 0.97 -8.20 5.72
C ALA B 160 -0.31 -8.52 6.48
N ILE B 161 -1.26 -7.59 6.47
CA ILE B 161 -2.53 -7.79 7.17
C ILE B 161 -3.38 -8.93 6.59
N ILE B 162 -3.43 -9.03 5.26
CA ILE B 162 -4.22 -10.07 4.61
C ILE B 162 -3.64 -11.47 4.81
N ILE B 163 -2.31 -11.59 4.71
CA ILE B 163 -1.63 -12.85 4.91
C ILE B 163 -1.81 -13.28 6.37
N GLU B 164 -1.68 -12.31 7.27
CA GLU B 164 -1.84 -12.60 8.67
C GLU B 164 -3.25 -13.14 8.92
N VAL B 165 -4.26 -12.50 8.33
CA VAL B 165 -5.63 -12.99 8.53
C VAL B 165 -5.86 -14.32 7.82
N ALA B 166 -5.19 -14.52 6.69
CA ALA B 166 -5.30 -15.78 5.96
C ALA B 166 -4.86 -16.93 6.88
N ALA B 167 -3.77 -16.72 7.61
CA ALA B 167 -3.29 -17.73 8.54
C ALA B 167 -4.30 -17.85 9.67
N MET B 168 -4.72 -16.71 10.19
CA MET B 168 -5.68 -16.66 11.28
C MET B 168 -6.99 -17.40 10.93
N ASN B 169 -7.48 -17.20 9.70
CA ASN B 169 -8.70 -17.84 9.25
C ASN B 169 -8.46 -19.34 9.06
N PHE B 170 -7.30 -19.68 8.51
CA PHE B 170 -6.93 -21.06 8.29
C PHE B 170 -7.00 -21.77 9.64
N ARG B 171 -6.35 -21.19 10.63
CA ARG B 171 -6.36 -21.76 11.96
C ARG B 171 -7.78 -21.92 12.49
N ALA B 172 -8.62 -20.91 12.30
CA ALA B 172 -10.00 -20.98 12.78
C ALA B 172 -10.75 -22.15 12.15
N LYS B 173 -10.53 -22.39 10.86
CA LYS B 173 -11.20 -23.49 10.19
C LYS B 173 -10.76 -24.83 10.78
N SER B 174 -9.54 -24.87 11.28
CA SER B 174 -9.02 -26.08 11.90
C SER B 174 -9.76 -26.31 13.20
N MET B 175 -10.04 -25.21 13.91
CA MET B 175 -10.73 -25.28 15.20
C MET B 175 -12.22 -25.55 15.01
N GLY B 176 -12.64 -25.65 13.75
CA GLY B 176 -14.04 -25.93 13.47
C GLY B 176 -14.91 -24.75 13.11
N TYR B 177 -14.32 -23.58 12.86
CA TYR B 177 -15.10 -22.41 12.50
C TYR B 177 -14.88 -22.01 11.05
N ASP B 178 -15.71 -22.51 10.15
CA ASP B 178 -15.59 -22.19 8.74
C ASP B 178 -16.68 -21.21 8.33
N ALA B 179 -16.29 -19.93 8.25
CA ALA B 179 -17.20 -18.84 7.90
C ALA B 179 -17.89 -19.03 6.56
N THR B 180 -17.14 -19.55 5.59
CA THR B 180 -17.66 -19.78 4.24
C THR B 180 -18.76 -20.85 4.24
N LYS B 181 -18.42 -22.03 4.76
CA LYS B 181 -19.36 -23.13 4.84
C LYS B 181 -20.60 -22.74 5.61
N THR B 182 -20.42 -21.97 6.68
CA THR B 182 -21.56 -21.53 7.48
C THR B 182 -22.42 -20.54 6.70
N PHE B 183 -21.80 -19.66 5.94
CA PHE B 183 -22.56 -18.69 5.17
C PHE B 183 -23.35 -19.37 4.07
N GLU B 184 -22.69 -20.25 3.31
CA GLU B 184 -23.37 -20.93 2.23
C GLU B 184 -24.58 -21.69 2.77
N LYS B 185 -24.46 -22.20 3.99
CA LYS B 185 -25.56 -22.91 4.60
C LYS B 185 -26.68 -21.89 4.87
N ASN B 186 -26.31 -20.76 5.45
CA ASN B 186 -27.28 -19.72 5.75
C ASN B 186 -27.89 -19.15 4.48
N LEU B 187 -27.08 -19.07 3.43
CA LEU B 187 -27.58 -18.55 2.18
C LEU B 187 -28.63 -19.50 1.66
N ASN B 188 -28.34 -20.78 1.75
CA ASN B 188 -29.28 -21.78 1.27
C ASN B 188 -30.58 -21.71 2.06
N HIS B 189 -30.50 -21.60 3.37
CA HIS B 189 -31.72 -21.50 4.17
C HIS B 189 -32.46 -20.22 3.83
N LEU B 190 -31.71 -19.16 3.53
CA LEU B 190 -32.29 -17.88 3.16
C LEU B 190 -32.96 -18.00 1.79
N ILE B 191 -32.24 -18.58 0.85
CA ILE B 191 -32.77 -18.75 -0.49
C ILE B 191 -34.08 -19.53 -0.45
N GLU B 192 -34.28 -20.36 0.58
CA GLU B 192 -35.53 -21.10 0.71
C GLU B 192 -36.62 -20.06 1.03
N HIS B 193 -36.94 -19.28 -0.01
CA HIS B 193 -37.94 -18.22 0.03
C HIS B 193 -39.26 -18.71 -0.55
N ASN B 194 -40.13 -19.23 0.30
CA ASN B 194 -41.44 -19.68 -0.15
C ASN B 194 -42.14 -18.40 -0.59
N GLU B 195 -42.38 -17.51 0.37
CA GLU B 195 -43.04 -16.24 0.10
C GLU B 195 -44.29 -16.43 -0.76
N ALA C 20 -40.94 4.05 8.12
CA ALA C 20 -39.68 3.23 8.10
C ALA C 20 -39.33 2.80 6.66
N GLU C 21 -38.66 3.70 5.92
CA GLU C 21 -38.27 3.42 4.54
C GLU C 21 -36.78 3.12 4.47
N ARG C 22 -36.41 2.02 3.82
CA ARG C 22 -35.02 1.61 3.70
C ARG C 22 -34.46 1.54 2.27
N ARG C 23 -33.17 1.77 2.14
CA ARG C 23 -32.47 1.70 0.86
C ARG C 23 -31.14 1.02 1.11
N SER C 24 -30.64 0.28 0.12
CA SER C 24 -29.38 -0.43 0.27
C SER C 24 -28.28 0.29 -0.49
N MET C 25 -27.20 0.63 0.21
CA MET C 25 -26.07 1.32 -0.42
C MET C 25 -24.86 0.42 -0.52
N HIS C 26 -24.00 0.69 -1.50
CA HIS C 26 -22.79 -0.10 -1.67
C HIS C 26 -21.61 0.57 -0.98
N GLY C 27 -21.03 -0.14 -0.03
CA GLY C 27 -19.91 0.39 0.71
C GLY C 27 -19.69 -0.43 1.98
N VAL C 28 -18.86 0.09 2.89
CA VAL C 28 -18.59 -0.58 4.14
C VAL C 28 -18.79 0.43 5.27
N LEU C 29 -19.61 0.06 6.25
CA LEU C 29 -19.89 0.96 7.36
C LEU C 29 -19.13 0.51 8.60
N VAL C 30 -18.22 1.35 9.07
CA VAL C 30 -17.45 1.03 10.25
C VAL C 30 -17.60 2.09 11.32
N ASP C 31 -17.49 1.68 12.56
CA ASP C 31 -17.58 2.58 13.70
C ASP C 31 -16.13 2.89 14.04
N ILE C 32 -15.70 4.11 13.70
CA ILE C 32 -14.34 4.54 13.95
C ILE C 32 -14.36 5.65 14.99
N TYR C 33 -13.77 5.38 16.16
CA TYR C 33 -13.73 6.36 17.25
C TYR C 33 -15.13 6.89 17.60
N GLY C 34 -16.12 6.00 17.54
CA GLY C 34 -17.48 6.39 17.87
C GLY C 34 -18.28 7.00 16.73
N LEU C 35 -17.60 7.30 15.63
CA LEU C 35 -18.26 7.89 14.48
C LEU C 35 -18.61 6.87 13.42
N GLY C 36 -19.85 6.92 12.95
CA GLY C 36 -20.24 6.01 11.90
C GLY C 36 -19.60 6.56 10.62
N VAL C 37 -18.72 5.78 10.01
CA VAL C 37 -18.05 6.20 8.79
C VAL C 37 -18.38 5.23 7.66
N LEU C 38 -19.03 5.74 6.62
CA LEU C 38 -19.41 4.90 5.48
C LEU C 38 -18.36 5.02 4.40
N ILE C 39 -17.70 3.91 4.07
CA ILE C 39 -16.66 3.91 3.04
C ILE C 39 -17.25 3.48 1.71
N THR C 40 -17.23 4.37 0.74
CA THR C 40 -17.76 4.08 -0.58
C THR C 40 -16.64 3.97 -1.61
N GLY C 41 -16.99 3.59 -2.84
CA GLY C 41 -15.99 3.45 -3.87
C GLY C 41 -16.19 2.25 -4.76
N ASP C 42 -15.83 2.40 -6.04
CA ASP C 42 -15.96 1.34 -7.03
C ASP C 42 -15.51 -0.02 -6.51
N SER C 43 -16.23 -1.06 -6.91
CA SER C 43 -15.86 -2.40 -6.48
C SER C 43 -14.44 -2.66 -6.97
N GLY C 44 -13.62 -3.26 -6.12
CA GLY C 44 -12.25 -3.54 -6.52
C GLY C 44 -11.25 -2.59 -5.90
N VAL C 45 -11.76 -1.52 -5.31
CA VAL C 45 -10.91 -0.53 -4.68
C VAL C 45 -10.34 -1.06 -3.34
N GLY C 46 -10.94 -2.13 -2.84
CA GLY C 46 -10.49 -2.73 -1.60
C GLY C 46 -11.18 -2.25 -0.35
N LYS C 47 -12.48 -1.97 -0.44
CA LYS C 47 -13.22 -1.50 0.72
C LYS C 47 -13.15 -2.49 1.88
N SER C 48 -13.38 -3.77 1.59
CA SER C 48 -13.36 -4.82 2.60
C SER C 48 -12.00 -4.98 3.26
N GLU C 49 -10.94 -5.03 2.45
CA GLU C 49 -9.62 -5.19 3.02
C GLU C 49 -9.31 -4.03 3.97
N THR C 50 -9.62 -2.81 3.56
CA THR C 50 -9.37 -1.69 4.43
C THR C 50 -10.18 -1.84 5.73
N ALA C 51 -11.44 -2.23 5.61
CA ALA C 51 -12.28 -2.45 6.79
C ALA C 51 -11.67 -3.52 7.68
N LEU C 52 -11.08 -4.55 7.08
CA LEU C 52 -10.46 -5.62 7.87
C LEU C 52 -9.35 -5.03 8.74
N GLU C 53 -8.53 -4.16 8.15
CA GLU C 53 -7.43 -3.55 8.89
C GLU C 53 -7.95 -2.58 9.95
N LEU C 54 -9.14 -2.02 9.74
CA LEU C 54 -9.67 -1.11 10.72
C LEU C 54 -10.16 -1.87 11.96
N VAL C 55 -10.74 -3.05 11.79
CA VAL C 55 -11.21 -3.77 12.99
C VAL C 55 -9.99 -4.23 13.78
N GLN C 56 -8.90 -4.56 13.08
CA GLN C 56 -7.70 -5.00 13.80
C GLN C 56 -7.16 -3.87 14.65
N ARG C 57 -7.29 -2.63 14.16
CA ARG C 57 -6.80 -1.47 14.89
C ARG C 57 -7.77 -1.09 16.01
N GLY C 58 -8.84 -1.87 16.18
CA GLY C 58 -9.79 -1.60 17.23
C GLY C 58 -11.08 -0.90 16.88
N HIS C 59 -11.51 -0.95 15.62
CA HIS C 59 -12.75 -0.30 15.27
C HIS C 59 -13.87 -1.32 15.06
N ARG C 60 -15.10 -0.85 14.93
CA ARG C 60 -16.23 -1.76 14.78
C ARG C 60 -16.83 -1.88 13.38
N LEU C 61 -16.98 -3.11 12.92
CA LEU C 61 -17.57 -3.34 11.61
C LEU C 61 -19.09 -3.40 11.75
N ILE C 62 -19.80 -2.55 11.01
CA ILE C 62 -21.25 -2.59 11.07
C ILE C 62 -21.76 -3.39 9.88
N ALA C 63 -21.45 -2.94 8.67
CA ALA C 63 -21.91 -3.65 7.48
C ALA C 63 -20.92 -3.63 6.33
N ASP C 64 -20.71 -4.77 5.70
CA ASP C 64 -19.80 -4.90 4.57
C ASP C 64 -20.49 -5.16 3.23
N ASP C 65 -20.18 -4.34 2.24
CA ASP C 65 -20.69 -4.45 0.87
C ASP C 65 -22.09 -3.88 0.68
N ARG C 66 -23.05 -4.40 1.45
CA ARG C 66 -24.41 -3.90 1.36
C ARG C 66 -24.78 -3.26 2.69
N VAL C 67 -25.01 -1.95 2.67
CA VAL C 67 -25.37 -1.24 3.89
C VAL C 67 -26.81 -0.76 3.78
N ASP C 68 -27.70 -1.34 4.60
CA ASP C 68 -29.11 -0.97 4.59
C ASP C 68 -29.33 0.28 5.46
N VAL C 69 -29.67 1.39 4.82
CA VAL C 69 -29.88 2.62 5.55
C VAL C 69 -31.35 3.05 5.58
N TYR C 70 -31.69 3.82 6.60
CA TYR C 70 -33.04 4.35 6.76
C TYR C 70 -32.94 5.68 7.48
N GLN C 71 -33.68 6.68 7.04
CA GLN C 71 -33.65 8.00 7.67
C GLN C 71 -34.36 7.97 9.02
N GLN C 72 -33.66 8.37 10.08
CA GLN C 72 -34.22 8.37 11.43
C GLN C 72 -34.87 9.69 11.83
N ASP C 73 -34.63 10.74 11.04
CA ASP C 73 -35.19 12.06 11.30
C ASP C 73 -34.57 13.05 10.33
N GLU C 74 -34.89 14.33 10.47
CA GLU C 74 -34.38 15.34 9.56
C GLU C 74 -32.86 15.47 9.40
N GLN C 75 -32.09 14.99 10.38
CA GLN C 75 -30.65 15.13 10.30
C GLN C 75 -29.85 13.86 10.63
N THR C 76 -30.52 12.71 10.61
CA THR C 76 -29.83 11.47 10.96
C THR C 76 -30.10 10.27 10.05
N ILE C 77 -29.02 9.59 9.67
CA ILE C 77 -29.12 8.41 8.82
C ILE C 77 -28.54 7.21 9.59
N VAL C 78 -29.30 6.13 9.69
CA VAL C 78 -28.80 4.93 10.37
C VAL C 78 -28.54 3.81 9.37
N GLY C 79 -27.45 3.09 9.56
CA GLY C 79 -27.15 1.99 8.67
C GLY C 79 -27.01 0.69 9.41
N ALA C 80 -27.10 -0.43 8.70
CA ALA C 80 -26.96 -1.73 9.32
C ALA C 80 -26.74 -2.77 8.24
N ALA C 81 -26.44 -3.99 8.65
CA ALA C 81 -26.19 -5.05 7.70
C ALA C 81 -27.37 -6.00 7.63
N PRO C 82 -27.72 -6.46 6.41
CA PRO C 82 -28.85 -7.38 6.33
C PRO C 82 -28.40 -8.59 7.17
N PRO C 83 -29.29 -9.16 7.97
CA PRO C 83 -28.92 -10.32 8.80
C PRO C 83 -28.00 -11.33 8.13
N ILE C 84 -28.25 -11.64 6.86
CA ILE C 84 -27.45 -12.63 6.15
C ILE C 84 -25.96 -12.28 6.03
N LEU C 85 -25.64 -10.99 6.07
CA LEU C 85 -24.25 -10.53 5.96
C LEU C 85 -23.62 -10.13 7.31
N SER C 86 -24.44 -10.07 8.36
CA SER C 86 -23.95 -9.68 9.67
C SER C 86 -22.66 -10.34 10.09
N HIS C 87 -21.69 -9.51 10.47
CA HIS C 87 -20.37 -9.95 10.91
C HIS C 87 -19.42 -10.38 9.82
N LEU C 88 -19.90 -10.49 8.59
CA LEU C 88 -19.06 -10.96 7.50
C LEU C 88 -18.28 -9.93 6.66
N LEU C 89 -17.16 -10.41 6.12
CA LEU C 89 -16.29 -9.65 5.24
C LEU C 89 -15.86 -10.61 4.13
N GLU C 90 -15.88 -10.13 2.89
CA GLU C 90 -15.48 -10.93 1.76
C GLU C 90 -14.19 -10.32 1.29
N ILE C 91 -13.11 -11.08 1.38
CA ILE C 91 -11.81 -10.57 0.98
C ILE C 91 -11.25 -11.36 -0.19
N ARG C 92 -11.07 -10.68 -1.31
CA ARG C 92 -10.57 -11.30 -2.51
C ARG C 92 -9.40 -12.20 -2.16
N GLY C 93 -9.50 -13.48 -2.53
CA GLY C 93 -8.45 -14.43 -2.26
C GLY C 93 -8.71 -15.32 -1.07
N LEU C 94 -9.15 -14.72 0.04
CA LEU C 94 -9.43 -15.48 1.26
C LEU C 94 -10.83 -16.03 1.26
N GLY C 95 -11.77 -15.22 0.82
CA GLY C 95 -13.15 -15.65 0.81
C GLY C 95 -13.92 -14.88 1.86
N ILE C 96 -14.84 -15.56 2.50
CA ILE C 96 -15.65 -14.91 3.52
C ILE C 96 -15.05 -15.14 4.89
N ILE C 97 -14.95 -14.09 5.68
CA ILE C 97 -14.43 -14.24 7.04
C ILE C 97 -15.44 -13.63 8.01
N ASP C 98 -15.48 -14.18 9.19
CA ASP C 98 -16.39 -13.73 10.23
C ASP C 98 -15.52 -13.03 11.27
N VAL C 99 -15.53 -11.69 11.25
CA VAL C 99 -14.71 -10.92 12.18
C VAL C 99 -15.14 -11.05 13.63
N MET C 100 -16.41 -11.39 13.86
CA MET C 100 -16.88 -11.58 15.21
C MET C 100 -16.21 -12.83 15.75
N ASN C 101 -15.98 -13.77 14.86
CA ASN C 101 -15.37 -15.04 15.22
C ASN C 101 -13.85 -14.99 15.29
N LEU C 102 -13.24 -14.08 14.53
CA LEU C 102 -11.79 -13.96 14.54
C LEU C 102 -11.28 -12.90 15.50
N PHE C 103 -12.12 -11.92 15.83
CA PHE C 103 -11.69 -10.86 16.72
C PHE C 103 -12.57 -10.62 17.94
N GLY C 104 -13.73 -11.26 17.98
CA GLY C 104 -14.61 -11.11 19.13
C GLY C 104 -15.57 -9.94 19.10
N ALA C 105 -16.38 -9.82 20.14
CA ALA C 105 -17.38 -8.77 20.25
C ALA C 105 -16.85 -7.38 19.99
N GLY C 106 -15.61 -7.12 20.37
CA GLY C 106 -15.08 -5.79 20.19
C GLY C 106 -14.90 -5.36 18.76
N ALA C 107 -15.21 -6.25 17.82
CA ALA C 107 -15.01 -5.93 16.42
C ALA C 107 -16.28 -5.62 15.66
N VAL C 108 -17.43 -5.82 16.28
CA VAL C 108 -18.71 -5.58 15.60
C VAL C 108 -19.67 -4.67 16.34
N ARG C 109 -20.74 -4.28 15.66
CA ARG C 109 -21.77 -3.43 16.24
C ARG C 109 -23.02 -3.57 15.37
N GLU C 110 -24.17 -3.73 16.00
CA GLU C 110 -25.43 -3.91 15.27
C GLU C 110 -25.72 -2.81 14.24
N ASP C 111 -25.43 -1.57 14.61
CA ASP C 111 -25.67 -0.46 13.70
C ASP C 111 -25.04 0.84 14.18
N THR C 112 -25.25 1.92 13.44
CA THR C 112 -24.69 3.20 13.81
C THR C 112 -25.19 4.30 12.91
N THR C 113 -25.33 5.50 13.47
CA THR C 113 -25.78 6.64 12.69
C THR C 113 -24.56 6.99 11.83
N ILE C 114 -24.79 7.35 10.57
CA ILE C 114 -23.70 7.68 9.66
C ILE C 114 -23.31 9.14 9.79
N SER C 115 -22.08 9.40 10.22
CA SER C 115 -21.62 10.77 10.41
C SER C 115 -20.75 11.30 9.27
N LEU C 116 -19.89 10.43 8.74
CA LEU C 116 -18.97 10.83 7.68
C LEU C 116 -18.93 9.82 6.53
N ILE C 117 -18.68 10.31 5.31
CA ILE C 117 -18.58 9.45 4.15
C ILE C 117 -17.20 9.61 3.53
N VAL C 118 -16.43 8.53 3.46
CA VAL C 118 -15.09 8.61 2.89
C VAL C 118 -15.09 7.78 1.61
N HIS C 119 -15.12 8.46 0.48
CA HIS C 119 -15.13 7.82 -0.82
C HIS C 119 -13.70 7.59 -1.35
N LEU C 120 -13.41 6.34 -1.72
CA LEU C 120 -12.12 5.94 -2.22
C LEU C 120 -12.06 5.97 -3.74
N GLU C 121 -11.57 7.06 -4.33
CA GLU C 121 -11.47 7.09 -5.78
C GLU C 121 -10.05 6.69 -6.15
N ASN C 122 -9.90 5.86 -7.18
CA ASN C 122 -8.58 5.45 -7.61
C ASN C 122 -7.86 6.61 -8.31
N TRP C 123 -6.71 7.00 -7.76
CA TRP C 123 -5.94 8.13 -8.29
C TRP C 123 -5.56 8.07 -9.76
N THR C 124 -5.63 9.24 -10.41
CA THR C 124 -5.32 9.37 -11.82
C THR C 124 -4.55 10.65 -12.08
N PRO C 125 -3.56 10.61 -12.98
CA PRO C 125 -2.78 11.83 -13.27
C PRO C 125 -3.67 13.00 -13.66
N ASP C 126 -4.34 12.88 -14.80
CA ASP C 126 -5.22 13.93 -15.29
C ASP C 126 -6.66 13.65 -14.89
N GLU C 136 -15.66 21.33 1.60
CA GLU C 136 -16.86 21.02 2.36
C GLU C 136 -17.92 20.24 1.55
N GLN C 137 -17.50 19.17 0.87
CA GLN C 137 -18.40 18.32 0.08
C GLN C 137 -19.46 17.64 0.98
N THR C 138 -20.64 17.39 0.42
CA THR C 138 -21.74 16.76 1.15
C THR C 138 -22.49 15.79 0.23
N GLN C 139 -22.92 14.65 0.75
CA GLN C 139 -23.68 13.71 -0.07
C GLN C 139 -25.04 13.48 0.56
N LEU C 140 -26.05 13.38 -0.30
CA LEU C 140 -27.43 13.18 0.12
C LEU C 140 -27.84 11.73 0.27
N ILE C 141 -28.36 11.42 1.45
CA ILE C 141 -28.85 10.09 1.72
C ILE C 141 -30.23 10.33 2.31
N PHE C 142 -31.27 9.94 1.57
CA PHE C 142 -32.64 10.10 2.03
C PHE C 142 -33.00 11.55 2.32
N ASP C 143 -32.47 12.49 1.55
CA ASP C 143 -32.82 13.90 1.85
C ASP C 143 -32.19 14.43 3.21
N VAL C 144 -30.95 14.01 3.45
CA VAL C 144 -30.11 14.37 4.60
C VAL C 144 -28.69 14.55 4.04
N PRO C 145 -28.10 15.74 4.20
CA PRO C 145 -26.75 16.05 3.70
C PRO C 145 -25.64 15.51 4.61
N VAL C 146 -25.13 14.32 4.31
CA VAL C 146 -24.04 13.74 5.11
C VAL C 146 -22.74 14.29 4.55
N PRO C 147 -21.81 14.71 5.43
CA PRO C 147 -20.53 15.24 4.94
C PRO C 147 -19.72 14.14 4.25
N LYS C 148 -18.86 14.54 3.34
CA LYS C 148 -18.06 13.56 2.61
C LYS C 148 -16.66 14.06 2.30
N ILE C 149 -15.70 13.15 2.24
CA ILE C 149 -14.34 13.54 1.86
C ILE C 149 -13.88 12.49 0.87
N THR C 150 -13.01 12.86 -0.06
CA THR C 150 -12.54 11.93 -1.05
C THR C 150 -11.04 11.77 -0.92
N VAL C 151 -10.58 10.55 -0.68
CA VAL C 151 -9.14 10.32 -0.58
C VAL C 151 -8.69 9.50 -1.79
N PRO C 152 -7.55 9.86 -2.37
CA PRO C 152 -7.03 9.12 -3.53
C PRO C 152 -6.33 7.82 -3.19
N VAL C 153 -6.66 6.77 -3.94
CA VAL C 153 -6.01 5.48 -3.75
C VAL C 153 -4.78 5.55 -4.66
N LYS C 154 -3.59 5.48 -4.07
CA LYS C 154 -2.38 5.60 -4.84
C LYS C 154 -1.28 4.80 -4.15
N VAL C 155 -0.41 4.15 -4.92
CA VAL C 155 0.67 3.35 -4.33
C VAL C 155 1.37 4.01 -3.14
N GLY C 156 1.59 3.22 -2.10
CA GLY C 156 2.27 3.74 -0.92
C GLY C 156 1.39 4.30 0.19
N ARG C 157 0.16 4.62 -0.15
CA ARG C 157 -0.78 5.18 0.83
C ARG C 157 -1.34 4.05 1.67
N ASN C 158 -1.43 4.25 2.99
CA ASN C 158 -2.03 3.25 3.85
C ASN C 158 -3.46 3.76 4.11
N LEU C 159 -4.41 3.28 3.31
CA LEU C 159 -5.81 3.73 3.40
C LEU C 159 -6.46 3.65 4.75
N ALA C 160 -6.22 2.56 5.49
CA ALA C 160 -6.81 2.42 6.81
C ALA C 160 -6.36 3.57 7.72
N ILE C 161 -5.09 3.92 7.65
CA ILE C 161 -4.56 5.01 8.48
C ILE C 161 -5.18 6.36 8.15
N ILE C 162 -5.35 6.65 6.86
CA ILE C 162 -5.91 7.94 6.46
C ILE C 162 -7.39 8.08 6.85
N ILE C 163 -8.16 7.01 6.65
CA ILE C 163 -9.58 7.02 7.01
C ILE C 163 -9.70 7.16 8.53
N GLU C 164 -8.87 6.44 9.25
CA GLU C 164 -8.89 6.51 10.69
C GLU C 164 -8.63 7.95 11.13
N VAL C 165 -7.65 8.62 10.53
CA VAL C 165 -7.36 9.99 10.90
C VAL C 165 -8.48 10.93 10.43
N ALA C 166 -9.07 10.63 9.29
CA ALA C 166 -10.18 11.44 8.79
C ALA C 166 -11.27 11.48 9.86
N ALA C 167 -11.58 10.33 10.44
CA ALA C 167 -12.59 10.26 11.48
C ALA C 167 -12.09 11.04 12.70
N MET C 168 -10.83 10.77 13.05
CA MET C 168 -10.20 11.42 14.19
C MET C 168 -10.23 12.94 14.08
N ASN C 169 -9.92 13.44 12.88
CA ASN C 169 -9.91 14.87 12.65
C ASN C 169 -11.34 15.41 12.66
N PHE C 170 -12.27 14.63 12.09
CA PHE C 170 -13.67 15.03 12.07
C PHE C 170 -14.12 15.24 13.50
N ARG C 171 -13.82 14.26 14.35
CA ARG C 171 -14.19 14.36 15.74
C ARG C 171 -13.59 15.58 16.40
N ALA C 172 -12.31 15.84 16.14
CA ALA C 172 -11.64 17.00 16.73
C ALA C 172 -12.31 18.30 16.36
N LYS C 173 -12.76 18.42 15.11
CA LYS C 173 -13.43 19.63 14.67
C LYS C 173 -14.74 19.82 15.41
N SER C 174 -15.36 18.71 15.82
CA SER C 174 -16.60 18.75 16.57
C SER C 174 -16.30 19.30 17.95
N MET C 175 -15.16 18.91 18.50
CA MET C 175 -14.74 19.34 19.83
C MET C 175 -14.25 20.78 19.81
N GLY C 176 -14.22 21.39 18.63
CA GLY C 176 -13.79 22.76 18.52
C GLY C 176 -12.38 23.00 18.04
N TYR C 177 -11.70 21.95 17.57
CA TYR C 177 -10.33 22.13 17.09
C TYR C 177 -10.23 21.95 15.57
N ASP C 178 -10.34 23.05 14.84
CA ASP C 178 -10.26 23.00 13.39
C ASP C 178 -8.92 23.52 12.91
N ALA C 179 -8.03 22.59 12.60
CA ALA C 179 -6.67 22.89 12.16
C ALA C 179 -6.61 23.78 10.92
N THR C 180 -7.52 23.53 9.98
CA THR C 180 -7.59 24.31 8.75
C THR C 180 -7.95 25.76 9.01
N LYS C 181 -9.09 25.96 9.68
CA LYS C 181 -9.56 27.29 10.00
C LYS C 181 -8.53 28.04 10.81
N THR C 182 -7.85 27.34 11.71
CA THR C 182 -6.84 28.00 12.53
C THR C 182 -5.63 28.39 11.68
N PHE C 183 -5.27 27.54 10.74
CA PHE C 183 -4.12 27.84 9.89
C PHE C 183 -4.41 29.01 8.98
N GLU C 184 -5.56 28.99 8.32
CA GLU C 184 -5.92 30.07 7.43
C GLU C 184 -5.92 31.40 8.17
N LYS C 185 -6.30 31.37 9.44
CA LYS C 185 -6.28 32.57 10.25
C LYS C 185 -4.84 32.99 10.45
N ASN C 186 -3.99 32.03 10.80
CA ASN C 186 -2.59 32.35 11.01
C ASN C 186 -1.88 32.79 9.73
N LEU C 187 -2.33 32.30 8.58
CA LEU C 187 -1.70 32.68 7.31
C LEU C 187 -1.97 34.15 6.98
N ASN C 188 -3.18 34.61 7.25
CA ASN C 188 -3.52 36.01 6.99
C ASN C 188 -2.74 36.94 7.91
N HIS C 189 -2.51 36.52 9.15
CA HIS C 189 -1.73 37.37 10.04
C HIS C 189 -0.34 37.48 9.43
N LEU C 190 0.23 36.34 9.03
CA LEU C 190 1.55 36.32 8.42
C LEU C 190 1.66 37.22 7.18
N ILE C 191 0.72 37.07 6.26
CA ILE C 191 0.69 37.87 5.03
C ILE C 191 0.65 39.36 5.36
N GLU C 192 -0.40 39.74 6.06
CA GLU C 192 -0.63 41.09 6.51
C GLU C 192 0.69 41.65 7.07
N HIS C 193 1.41 40.80 7.78
CA HIS C 193 2.70 41.15 8.37
C HIS C 193 3.80 41.38 7.34
N ASN C 194 4.04 40.40 6.47
CA ASN C 194 5.08 40.52 5.44
C ASN C 194 4.81 41.67 4.47
N GLU C 195 3.59 42.19 4.52
CA GLU C 195 3.20 43.28 3.65
C GLU C 195 3.84 44.56 4.19
N GLU C 196 4.65 44.40 5.23
CA GLU C 196 5.34 45.51 5.88
C GLU C 196 4.34 46.48 6.52
N GLN D 15 12.29 30.23 -16.33
CA GLN D 15 12.20 31.35 -15.33
C GLN D 15 11.31 32.50 -15.80
N LYS D 16 10.73 33.21 -14.84
CA LYS D 16 9.85 34.35 -15.10
C LYS D 16 9.45 34.96 -13.77
N THR D 17 9.53 36.27 -13.66
CA THR D 17 9.20 36.95 -12.41
C THR D 17 7.85 37.64 -12.42
N PHE D 18 7.34 37.97 -11.25
CA PHE D 18 6.04 38.64 -11.14
C PHE D 18 6.00 39.60 -9.99
N LYS D 19 5.10 40.58 -10.08
CA LYS D 19 4.89 41.56 -9.04
C LYS D 19 3.53 41.15 -8.51
N VAL D 20 3.43 40.80 -7.23
CA VAL D 20 2.15 40.37 -6.70
C VAL D 20 1.21 41.55 -6.47
N THR D 21 0.01 41.47 -7.04
CA THR D 21 -0.96 42.55 -6.94
C THR D 21 -2.17 42.21 -6.10
N ALA D 22 -2.46 40.93 -5.92
CA ALA D 22 -3.59 40.49 -5.12
C ALA D 22 -3.58 41.22 -3.78
N ASP D 23 -4.73 41.78 -3.40
CA ASP D 23 -4.83 42.53 -2.16
C ASP D 23 -4.73 41.62 -0.95
N SER D 24 -5.07 40.36 -1.15
CA SER D 24 -5.04 39.36 -0.09
C SER D 24 -3.72 38.61 -0.06
N GLY D 25 -2.87 38.85 -1.05
CA GLY D 25 -1.60 38.14 -1.11
C GLY D 25 -1.87 36.73 -1.60
N ILE D 26 -0.83 35.91 -1.72
CA ILE D 26 -1.04 34.55 -2.17
C ILE D 26 -1.35 33.68 -0.95
N HIS D 27 -2.64 33.57 -0.66
CA HIS D 27 -3.09 32.78 0.48
C HIS D 27 -3.80 31.52 0.04
N ALA D 28 -4.55 30.95 0.96
CA ALA D 28 -5.32 29.73 0.76
C ALA D 28 -5.70 29.39 -0.68
N ARG D 29 -6.79 30.01 -1.17
CA ARG D 29 -7.28 29.75 -2.52
C ARG D 29 -6.25 29.93 -3.63
N PRO D 30 -5.58 31.10 -3.68
CA PRO D 30 -4.58 31.36 -4.72
C PRO D 30 -3.45 30.32 -4.77
N ALA D 31 -2.85 30.04 -3.62
CA ALA D 31 -1.77 29.06 -3.56
C ALA D 31 -2.28 27.73 -4.12
N THR D 32 -3.57 27.49 -3.91
CA THR D 32 -4.22 26.28 -4.39
C THR D 32 -4.23 26.14 -5.90
N VAL D 33 -4.71 27.17 -6.60
CA VAL D 33 -4.77 27.13 -8.05
C VAL D 33 -3.37 27.18 -8.66
N LEU D 34 -2.45 27.87 -8.00
CA LEU D 34 -1.09 27.96 -8.50
C LEU D 34 -0.39 26.61 -8.57
N VAL D 35 -0.46 25.84 -7.48
CA VAL D 35 0.20 24.53 -7.45
C VAL D 35 -0.57 23.54 -8.31
N GLN D 36 -1.88 23.76 -8.39
CA GLN D 36 -2.74 22.92 -9.20
C GLN D 36 -2.29 23.00 -10.65
N THR D 37 -1.95 24.21 -11.10
CA THR D 37 -1.48 24.44 -12.46
C THR D 37 -0.05 23.92 -12.67
N ALA D 38 0.82 24.19 -11.70
CA ALA D 38 2.20 23.75 -11.80
C ALA D 38 2.25 22.22 -11.84
N SER D 39 1.45 21.60 -10.97
CA SER D 39 1.39 20.15 -10.87
C SER D 39 1.16 19.45 -12.20
N LYS D 40 0.42 20.11 -13.09
CA LYS D 40 0.11 19.55 -14.40
C LYS D 40 1.32 19.37 -15.32
N TYR D 41 2.52 19.67 -14.82
CA TYR D 41 3.70 19.55 -15.67
C TYR D 41 4.82 18.66 -15.15
N ASP D 42 5.20 17.70 -15.99
CA ASP D 42 6.26 16.75 -15.68
C ASP D 42 7.53 17.47 -15.23
N ALA D 43 7.65 18.75 -15.57
CA ALA D 43 8.85 19.49 -15.18
C ALA D 43 8.87 19.84 -13.70
N ASP D 44 10.00 20.36 -13.24
CA ASP D 44 10.14 20.77 -11.85
C ASP D 44 9.80 22.24 -11.81
N VAL D 45 9.14 22.70 -10.74
CA VAL D 45 8.80 24.11 -10.66
C VAL D 45 8.99 24.65 -9.23
N ASN D 46 9.69 25.78 -9.13
CA ASN D 46 9.97 26.44 -7.86
C ASN D 46 9.40 27.85 -7.78
N LEU D 47 9.23 28.34 -6.55
CA LEU D 47 8.70 29.68 -6.28
C LEU D 47 9.60 30.29 -5.20
N GLU D 48 10.15 31.47 -5.45
CA GLU D 48 11.02 32.11 -4.46
C GLU D 48 10.45 33.46 -4.00
N TYR D 49 10.69 33.77 -2.73
CA TYR D 49 10.22 35.01 -2.11
C TYR D 49 11.20 35.38 -1.01
N ASN D 50 12.01 36.40 -1.25
CA ASN D 50 12.97 36.85 -0.26
C ASN D 50 13.97 35.75 0.08
N GLY D 51 14.64 35.23 -0.95
CA GLY D 51 15.63 34.18 -0.71
C GLY D 51 15.11 32.78 -0.50
N LYS D 52 13.93 32.64 0.10
CA LYS D 52 13.36 31.31 0.32
C LYS D 52 12.76 30.69 -0.93
N THR D 53 13.04 29.41 -1.15
CA THR D 53 12.53 28.72 -2.31
C THR D 53 11.82 27.43 -1.92
N VAL D 54 10.59 27.28 -2.40
CA VAL D 54 9.80 26.10 -2.11
C VAL D 54 9.41 25.37 -3.40
N ASN D 55 8.83 24.18 -3.26
CA ASN D 55 8.38 23.41 -4.42
C ASN D 55 7.01 23.98 -4.72
N LEU D 56 6.77 24.43 -5.94
CA LEU D 56 5.48 25.00 -6.29
C LEU D 56 4.39 23.95 -6.45
N LYS D 57 4.78 22.68 -6.43
CA LYS D 57 3.82 21.59 -6.57
C LYS D 57 3.26 21.15 -5.21
N SER D 58 3.82 21.65 -4.12
CA SER D 58 3.35 21.30 -2.79
C SER D 58 2.81 22.57 -2.11
N ILE D 59 1.51 22.59 -1.84
CA ILE D 59 0.86 23.76 -1.26
C ILE D 59 1.33 24.27 0.10
N MET D 60 1.63 23.38 1.04
CA MET D 60 2.11 23.82 2.35
C MET D 60 3.27 24.80 2.21
N GLY D 61 4.25 24.44 1.41
CA GLY D 61 5.39 25.31 1.22
C GLY D 61 5.06 26.68 0.66
N VAL D 62 4.20 26.70 -0.35
CA VAL D 62 3.79 27.95 -0.98
C VAL D 62 3.12 28.87 0.04
N MET D 63 2.16 28.35 0.77
CA MET D 63 1.47 29.17 1.75
C MET D 63 2.40 29.57 2.90
N SER D 64 3.38 28.73 3.20
CA SER D 64 4.28 29.04 4.30
C SER D 64 5.07 30.31 4.03
N LEU D 65 5.26 30.64 2.75
CA LEU D 65 6.01 31.84 2.39
C LEU D 65 5.27 33.10 2.77
N GLY D 66 3.96 33.00 2.89
CA GLY D 66 3.15 34.16 3.25
C GLY D 66 3.32 35.36 2.33
N ILE D 67 3.28 35.11 1.03
CA ILE D 67 3.42 36.17 0.02
C ILE D 67 2.29 37.20 0.10
N ALA D 68 2.67 38.46 0.34
CA ALA D 68 1.70 39.54 0.48
C ALA D 68 1.64 40.44 -0.75
N LYS D 69 0.69 41.38 -0.74
CA LYS D 69 0.51 42.31 -1.85
C LYS D 69 1.78 43.14 -1.99
N GLY D 70 2.27 43.26 -3.21
CA GLY D 70 3.46 44.04 -3.46
C GLY D 70 4.73 43.21 -3.43
N ALA D 71 4.58 41.91 -3.18
CA ALA D 71 5.72 41.01 -3.14
C ALA D 71 6.27 40.76 -4.55
N GLU D 72 7.56 40.44 -4.62
CA GLU D 72 8.17 40.14 -5.90
C GLU D 72 8.63 38.68 -5.87
N ILE D 73 7.86 37.81 -6.52
CA ILE D 73 8.15 36.39 -6.55
C ILE D 73 8.76 35.95 -7.87
N THR D 74 9.51 34.85 -7.84
CA THR D 74 10.13 34.32 -9.05
C THR D 74 9.79 32.85 -9.22
N ILE D 75 9.09 32.54 -10.31
CA ILE D 75 8.70 31.17 -10.61
C ILE D 75 9.68 30.60 -11.63
N SER D 76 10.27 29.45 -11.31
CA SER D 76 11.22 28.83 -12.23
C SER D 76 10.85 27.37 -12.45
N ALA D 77 11.23 26.83 -13.60
CA ALA D 77 10.92 25.46 -13.92
C ALA D 77 12.09 24.81 -14.63
N SER D 78 12.16 23.50 -14.55
CA SER D 78 13.23 22.75 -15.20
C SER D 78 12.64 21.45 -15.77
N GLY D 79 12.90 21.22 -17.05
CA GLY D 79 12.39 20.03 -17.70
C GLY D 79 11.80 20.36 -19.06
N ALA D 80 11.36 19.33 -19.79
CA ALA D 80 10.79 19.54 -21.10
C ALA D 80 9.64 20.54 -20.98
N ASP D 81 8.76 20.29 -20.02
CA ASP D 81 7.60 21.14 -19.76
C ASP D 81 7.99 22.59 -19.48
N GLU D 82 9.22 22.78 -19.04
CA GLU D 82 9.76 24.09 -18.70
C GLU D 82 8.86 25.26 -19.08
N ASN D 83 8.79 25.56 -20.37
CA ASN D 83 7.99 26.68 -20.87
C ASN D 83 6.49 26.54 -20.67
N ASP D 84 5.89 25.49 -21.23
CA ASP D 84 4.45 25.30 -21.07
C ASP D 84 4.08 25.50 -19.59
N ALA D 85 4.99 25.09 -18.72
CA ALA D 85 4.77 25.22 -17.29
C ALA D 85 4.70 26.71 -16.97
N LEU D 86 5.70 27.45 -17.42
CA LEU D 86 5.73 28.89 -17.16
C LEU D 86 4.52 29.60 -17.72
N ASN D 87 4.20 29.33 -19.00
CA ASN D 87 3.06 29.97 -19.63
C ASN D 87 1.79 29.82 -18.81
N ALA D 88 1.47 28.58 -18.44
CA ALA D 88 0.26 28.31 -17.65
C ALA D 88 0.31 28.96 -16.28
N LEU D 89 1.49 29.03 -15.68
CA LEU D 89 1.61 29.67 -14.38
C LEU D 89 1.40 31.17 -14.55
N GLU D 90 1.96 31.74 -15.61
CA GLU D 90 1.77 33.16 -15.89
C GLU D 90 0.27 33.34 -16.16
N GLU D 91 -0.30 32.48 -16.99
CA GLU D 91 -1.71 32.54 -17.32
C GLU D 91 -2.59 32.50 -16.07
N THR D 92 -2.15 31.73 -15.07
CA THR D 92 -2.91 31.60 -13.84
C THR D 92 -2.70 32.80 -12.92
N MET D 93 -1.48 33.37 -12.94
CA MET D 93 -1.19 34.54 -12.12
C MET D 93 -2.14 35.61 -12.60
N LYS D 94 -2.25 35.73 -13.93
CA LYS D 94 -3.13 36.71 -14.53
C LYS D 94 -4.58 36.30 -14.35
N SER D 95 -4.92 35.11 -14.83
CA SER D 95 -6.28 34.59 -14.72
C SER D 95 -6.86 34.82 -13.33
N GLU D 96 -6.10 34.43 -12.31
CA GLU D 96 -6.53 34.58 -10.93
C GLU D 96 -6.35 35.98 -10.38
N ARG D 97 -5.87 36.90 -11.23
CA ARG D 97 -5.66 38.27 -10.81
C ARG D 97 -4.75 38.35 -9.58
N LEU D 98 -3.65 37.59 -9.61
CA LEU D 98 -2.69 37.53 -8.50
C LEU D 98 -1.58 38.57 -8.67
N GLY D 99 -1.11 38.70 -9.90
CA GLY D 99 -0.05 39.65 -10.18
C GLY D 99 0.29 39.69 -11.66
N GLU D 100 1.50 40.15 -11.96
CA GLU D 100 1.96 40.24 -13.35
C GLU D 100 3.45 40.53 -13.42
N ALA E 14 17.48 -24.16 -24.19
CA ALA E 14 16.79 -23.12 -23.38
C ALA E 14 17.68 -22.64 -22.24
N GLN E 15 18.81 -23.31 -22.05
CA GLN E 15 19.75 -23.00 -20.99
C GLN E 15 21.12 -22.59 -21.52
N LYS E 16 22.10 -22.51 -20.62
CA LYS E 16 23.48 -22.16 -20.94
C LYS E 16 24.35 -22.46 -19.75
N THR E 17 25.48 -23.12 -19.99
CA THR E 17 26.39 -23.46 -18.91
C THR E 17 27.63 -22.59 -18.95
N PHE E 18 28.25 -22.44 -17.79
CA PHE E 18 29.43 -21.61 -17.67
C PHE E 18 30.28 -22.21 -16.57
N LYS E 19 31.57 -21.90 -16.62
CA LYS E 19 32.48 -22.36 -15.58
C LYS E 19 33.00 -21.03 -15.05
N VAL E 20 32.98 -20.84 -13.73
CA VAL E 20 33.41 -19.58 -13.16
C VAL E 20 34.92 -19.39 -13.19
N THR E 21 35.37 -18.29 -13.78
CA THR E 21 36.80 -18.04 -13.87
C THR E 21 37.24 -16.93 -12.91
N ALA E 22 36.32 -16.03 -12.57
CA ALA E 22 36.64 -14.93 -11.64
C ALA E 22 37.16 -15.52 -10.33
N ASP E 23 38.35 -15.09 -9.94
CA ASP E 23 39.03 -15.57 -8.73
C ASP E 23 38.15 -15.61 -7.48
N SER E 24 37.74 -14.44 -7.03
CA SER E 24 36.93 -14.30 -5.83
C SER E 24 35.50 -14.81 -5.94
N GLY E 25 35.29 -15.84 -6.74
CA GLY E 25 33.95 -16.42 -6.91
C GLY E 25 32.84 -15.46 -7.27
N ILE E 26 31.60 -15.92 -7.15
CA ILE E 26 30.43 -15.08 -7.43
C ILE E 26 29.88 -14.56 -6.10
N HIS E 27 30.45 -13.46 -5.64
CA HIS E 27 30.04 -12.86 -4.37
C HIS E 27 29.16 -11.62 -4.57
N ALA E 28 28.83 -10.95 -3.47
CA ALA E 28 28.00 -9.75 -3.46
C ALA E 28 27.93 -8.91 -4.73
N ARG E 29 29.00 -8.19 -5.07
CA ARG E 29 29.00 -7.34 -6.27
C ARG E 29 28.62 -8.09 -7.54
N PRO E 30 29.45 -9.05 -7.98
CA PRO E 30 29.08 -9.78 -9.20
C PRO E 30 27.64 -10.26 -9.21
N ALA E 31 27.18 -10.79 -8.08
CA ALA E 31 25.82 -11.30 -7.95
C ALA E 31 24.77 -10.23 -8.21
N THR E 32 24.97 -9.00 -7.72
CA THR E 32 23.97 -7.97 -7.96
C THR E 32 23.95 -7.60 -9.43
N VAL E 33 25.08 -7.74 -10.12
CA VAL E 33 25.12 -7.40 -11.54
C VAL E 33 24.49 -8.51 -12.35
N LEU E 34 24.60 -9.74 -11.85
CA LEU E 34 23.98 -10.88 -12.52
C LEU E 34 22.46 -10.79 -12.33
N VAL E 35 22.01 -10.70 -11.09
CA VAL E 35 20.57 -10.61 -10.84
C VAL E 35 20.01 -9.32 -11.42
N GLN E 36 20.80 -8.25 -11.36
CA GLN E 36 20.38 -6.97 -11.91
C GLN E 36 19.91 -7.27 -13.31
N THR E 37 20.81 -7.84 -14.09
CA THR E 37 20.53 -8.19 -15.47
C THR E 37 19.26 -9.01 -15.62
N ALA E 38 19.27 -10.22 -15.06
CA ALA E 38 18.12 -11.13 -15.17
C ALA E 38 16.78 -10.45 -14.89
N SER E 39 16.72 -9.68 -13.82
CA SER E 39 15.51 -8.96 -13.43
C SER E 39 14.84 -8.22 -14.56
N LYS E 40 15.63 -7.79 -15.55
CA LYS E 40 15.14 -7.05 -16.70
C LYS E 40 14.27 -7.87 -17.67
N TYR E 41 14.12 -9.17 -17.42
CA TYR E 41 13.34 -9.99 -18.32
C TYR E 41 12.10 -10.62 -17.74
N ASP E 42 11.06 -10.64 -18.55
CA ASP E 42 9.77 -11.20 -18.16
C ASP E 42 9.94 -12.66 -17.82
N ALA E 43 10.69 -13.37 -18.66
CA ALA E 43 10.94 -14.77 -18.42
C ALA E 43 11.53 -14.90 -17.03
N ASP E 44 11.30 -16.03 -16.37
CA ASP E 44 11.89 -16.24 -15.05
C ASP E 44 13.10 -17.13 -15.28
N VAL E 45 14.25 -16.69 -14.80
CA VAL E 45 15.49 -17.41 -14.98
C VAL E 45 16.02 -18.01 -13.68
N ASN E 46 16.73 -19.13 -13.78
CA ASN E 46 17.29 -19.80 -12.60
C ASN E 46 18.78 -20.10 -12.72
N LEU E 47 19.44 -20.22 -11.55
CA LEU E 47 20.86 -20.51 -11.47
C LEU E 47 21.01 -21.87 -10.79
N GLU E 48 21.85 -22.73 -11.35
CA GLU E 48 22.06 -24.07 -10.79
C GLU E 48 23.52 -24.31 -10.39
N TYR E 49 23.71 -24.76 -9.15
CA TYR E 49 25.03 -25.04 -8.61
C TYR E 49 24.93 -26.26 -7.71
N ASN E 50 25.65 -27.32 -8.08
CA ASN E 50 25.62 -28.55 -7.31
C ASN E 50 24.18 -28.98 -7.06
N GLY E 51 23.45 -29.22 -8.14
CA GLY E 51 22.07 -29.67 -8.02
C GLY E 51 21.04 -28.75 -7.39
N LYS E 52 21.48 -27.77 -6.61
CA LYS E 52 20.54 -26.85 -5.98
C LYS E 52 20.24 -25.65 -6.89
N THR E 53 18.95 -25.37 -7.08
CA THR E 53 18.53 -24.28 -7.95
C THR E 53 17.89 -23.12 -7.20
N VAL E 54 18.12 -21.90 -7.71
CA VAL E 54 17.59 -20.68 -7.10
C VAL E 54 17.12 -19.69 -8.17
N ASN E 55 16.39 -18.68 -7.73
CA ASN E 55 15.86 -17.65 -8.61
C ASN E 55 16.95 -16.62 -8.87
N LEU E 56 17.38 -16.50 -10.12
CA LEU E 56 18.43 -15.56 -10.42
C LEU E 56 17.96 -14.11 -10.35
N LYS E 57 16.68 -13.89 -10.06
CA LYS E 57 16.17 -12.52 -9.95
C LYS E 57 16.23 -12.03 -8.49
N SER E 58 16.51 -12.94 -7.57
CA SER E 58 16.59 -12.59 -6.15
C SER E 58 18.03 -12.83 -5.68
N ILE E 59 18.71 -11.76 -5.29
CA ILE E 59 20.10 -11.86 -4.88
C ILE E 59 20.47 -12.73 -3.67
N MET E 60 19.65 -12.73 -2.64
CA MET E 60 19.96 -13.56 -1.47
C MET E 60 20.22 -15.00 -1.88
N GLY E 61 19.33 -15.54 -2.71
CA GLY E 61 19.49 -16.92 -3.15
C GLY E 61 20.78 -17.18 -3.91
N VAL E 62 21.12 -16.28 -4.83
CA VAL E 62 22.31 -16.40 -5.64
C VAL E 62 23.56 -16.43 -4.76
N MET E 63 23.67 -15.48 -3.84
CA MET E 63 24.82 -15.43 -2.96
C MET E 63 24.84 -16.61 -2.01
N SER E 64 23.66 -17.13 -1.67
CA SER E 64 23.61 -18.24 -0.73
C SER E 64 24.29 -19.48 -1.28
N LEU E 65 24.32 -19.59 -2.61
CA LEU E 65 24.95 -20.73 -3.25
C LEU E 65 26.46 -20.75 -3.05
N GLY E 66 27.03 -19.58 -2.81
CA GLY E 66 28.47 -19.48 -2.58
C GLY E 66 29.32 -20.05 -3.72
N ILE E 67 28.98 -19.67 -4.94
CA ILE E 67 29.69 -20.12 -6.13
C ILE E 67 31.15 -19.66 -6.13
N ALA E 68 32.08 -20.61 -6.15
CA ALA E 68 33.51 -20.31 -6.15
C ALA E 68 34.17 -20.48 -7.52
N LYS E 69 35.44 -20.09 -7.59
CA LYS E 69 36.21 -20.19 -8.83
C LYS E 69 36.28 -21.66 -9.23
N GLY E 70 36.02 -21.93 -10.50
CA GLY E 70 36.07 -23.29 -10.99
C GLY E 70 34.72 -23.99 -10.93
N ALA E 71 33.71 -23.29 -10.43
CA ALA E 71 32.39 -23.86 -10.34
C ALA E 71 31.73 -23.96 -11.71
N GLU E 72 30.81 -24.91 -11.85
CA GLU E 72 30.09 -25.09 -13.10
C GLU E 72 28.63 -24.82 -12.84
N ILE E 73 28.18 -23.64 -13.24
CA ILE E 73 26.80 -23.21 -13.04
C ILE E 73 25.97 -23.31 -14.33
N THR E 74 24.65 -23.45 -14.15
CA THR E 74 23.76 -23.54 -15.29
C THR E 74 22.63 -22.52 -15.16
N ILE E 75 22.58 -21.58 -16.11
CA ILE E 75 21.55 -20.56 -16.12
C ILE E 75 20.44 -20.98 -17.09
N SER E 76 19.20 -20.99 -16.61
CA SER E 76 18.09 -21.37 -17.48
C SER E 76 17.00 -20.32 -17.41
N ALA E 77 16.20 -20.24 -18.48
CA ALA E 77 15.12 -19.27 -18.57
C ALA E 77 13.90 -19.81 -19.32
N SER E 78 12.71 -19.47 -18.84
CA SER E 78 11.47 -19.91 -19.46
C SER E 78 10.63 -18.66 -19.63
N GLY E 79 10.20 -18.38 -20.86
CA GLY E 79 9.38 -17.21 -21.10
C GLY E 79 9.55 -16.61 -22.49
N ALA E 80 8.77 -15.58 -22.78
CA ALA E 80 8.82 -14.92 -24.07
C ALA E 80 10.25 -14.53 -24.39
N ASP E 81 10.79 -13.60 -23.62
CA ASP E 81 12.16 -13.12 -23.83
C ASP E 81 13.20 -14.16 -23.43
N GLU E 82 12.76 -15.39 -23.22
CA GLU E 82 13.63 -16.50 -22.85
C GLU E 82 15.06 -16.33 -23.37
N ASN E 83 15.22 -16.26 -24.69
CA ASN E 83 16.53 -16.12 -25.33
C ASN E 83 17.26 -14.82 -25.09
N ASP E 84 16.53 -13.71 -25.12
CA ASP E 84 17.16 -12.42 -24.89
C ASP E 84 17.78 -12.43 -23.50
N ALA E 85 17.12 -13.13 -22.59
CA ALA E 85 17.57 -13.25 -21.23
C ALA E 85 18.96 -13.89 -21.16
N LEU E 86 19.06 -15.12 -21.66
CA LEU E 86 20.32 -15.85 -21.66
C LEU E 86 21.47 -15.11 -22.32
N ASN E 87 21.21 -14.48 -23.47
CA ASN E 87 22.26 -13.74 -24.15
C ASN E 87 22.73 -12.62 -23.26
N ALA E 88 21.77 -11.87 -22.72
CA ALA E 88 22.05 -10.75 -21.84
C ALA E 88 22.89 -11.22 -20.66
N LEU E 89 22.50 -12.35 -20.08
CA LEU E 89 23.23 -12.88 -18.96
C LEU E 89 24.64 -13.31 -19.37
N GLU E 90 24.74 -14.09 -20.45
CA GLU E 90 26.04 -14.53 -20.89
C GLU E 90 26.93 -13.30 -21.10
N GLU E 91 26.38 -12.28 -21.74
CA GLU E 91 27.15 -11.06 -21.99
C GLU E 91 27.67 -10.53 -20.66
N THR E 92 26.83 -10.54 -19.63
CA THR E 92 27.27 -10.06 -18.32
C THR E 92 28.34 -11.00 -17.82
N MET E 93 28.17 -12.30 -18.05
CA MET E 93 29.15 -13.29 -17.62
C MET E 93 30.56 -12.96 -18.08
N LYS E 94 30.67 -12.42 -19.30
CA LYS E 94 31.96 -12.03 -19.85
C LYS E 94 32.23 -10.58 -19.48
N SER E 95 31.33 -9.69 -19.89
CA SER E 95 31.46 -8.27 -19.62
C SER E 95 31.87 -8.01 -18.18
N GLU E 96 31.47 -8.91 -17.28
CA GLU E 96 31.80 -8.73 -15.88
C GLU E 96 32.91 -9.65 -15.39
N ARG E 97 33.73 -10.14 -16.32
CA ARG E 97 34.88 -11.00 -15.99
C ARG E 97 34.52 -12.15 -15.04
N LEU E 98 33.28 -12.63 -15.08
CA LEU E 98 32.87 -13.70 -14.18
C LEU E 98 33.13 -15.14 -14.59
N GLY E 99 32.88 -15.46 -15.86
CA GLY E 99 33.12 -16.82 -16.32
C GLY E 99 33.02 -17.03 -17.81
N GLU E 100 32.86 -18.28 -18.22
CA GLU E 100 32.74 -18.63 -19.62
C GLU E 100 32.25 -20.07 -19.74
N MET F 13 -29.76 4.53 -20.34
CA MET F 13 -30.67 3.85 -19.35
C MET F 13 -31.13 2.47 -19.85
N ALA F 14 -30.20 1.52 -19.92
CA ALA F 14 -30.51 0.17 -20.39
C ALA F 14 -30.92 -0.78 -19.25
N GLN F 15 -32.00 -1.51 -19.46
CA GLN F 15 -32.52 -2.43 -18.46
C GLN F 15 -33.03 -3.74 -19.08
N LYS F 16 -33.14 -4.78 -18.27
CA LYS F 16 -33.65 -6.07 -18.71
C LYS F 16 -34.16 -6.84 -17.52
N THR F 17 -35.24 -7.61 -17.72
CA THR F 17 -35.81 -8.37 -16.62
C THR F 17 -35.79 -9.88 -16.92
N PHE F 18 -35.76 -10.67 -15.85
CA PHE F 18 -35.73 -12.13 -15.96
C PHE F 18 -36.56 -12.77 -14.87
N LYS F 19 -36.75 -14.07 -14.99
CA LYS F 19 -37.48 -14.85 -14.00
C LYS F 19 -36.57 -16.06 -13.78
N VAL F 20 -36.07 -16.22 -12.56
CA VAL F 20 -35.16 -17.33 -12.30
C VAL F 20 -35.85 -18.67 -12.30
N THR F 21 -35.22 -19.64 -12.95
CA THR F 21 -35.75 -20.99 -13.03
C THR F 21 -34.90 -21.86 -12.14
N ALA F 22 -33.77 -21.31 -11.70
CA ALA F 22 -32.83 -22.00 -10.83
C ALA F 22 -33.55 -22.63 -9.64
N ASP F 23 -33.73 -23.95 -9.69
CA ASP F 23 -34.39 -24.66 -8.60
C ASP F 23 -33.55 -24.49 -7.35
N SER F 24 -32.28 -24.21 -7.56
CA SER F 24 -31.35 -24.01 -6.47
C SER F 24 -31.28 -22.53 -6.11
N GLY F 25 -31.84 -21.71 -7.00
CA GLY F 25 -31.84 -20.27 -6.78
C GLY F 25 -30.48 -19.69 -7.14
N ILE F 26 -30.31 -18.40 -6.85
CA ILE F 26 -29.03 -17.75 -7.14
C ILE F 26 -28.10 -17.83 -5.94
N HIS F 27 -27.57 -19.01 -5.65
CA HIS F 27 -26.66 -19.15 -4.52
C HIS F 27 -25.25 -18.75 -4.98
N ALA F 28 -24.25 -19.06 -4.18
CA ALA F 28 -22.85 -18.73 -4.47
C ALA F 28 -22.39 -18.85 -5.94
N ARG F 29 -22.18 -20.07 -6.43
CA ARG F 29 -21.73 -20.25 -7.81
C ARG F 29 -22.46 -19.34 -8.81
N PRO F 30 -23.78 -19.50 -8.97
CA PRO F 30 -24.52 -18.66 -9.92
C PRO F 30 -24.34 -17.15 -9.70
N ALA F 31 -24.15 -16.75 -8.45
CA ALA F 31 -23.94 -15.34 -8.13
C ALA F 31 -22.59 -14.92 -8.71
N THR F 32 -21.59 -15.77 -8.47
CA THR F 32 -20.24 -15.52 -8.95
C THR F 32 -20.15 -15.25 -10.45
N VAL F 33 -20.65 -16.19 -11.26
CA VAL F 33 -20.62 -16.03 -12.70
C VAL F 33 -21.33 -14.75 -13.13
N LEU F 34 -22.43 -14.43 -12.45
CA LEU F 34 -23.17 -13.22 -12.76
C LEU F 34 -22.29 -11.98 -12.58
N VAL F 35 -21.60 -11.90 -11.45
CA VAL F 35 -20.76 -10.73 -11.19
C VAL F 35 -19.47 -10.76 -12.01
N GLN F 36 -18.96 -11.94 -12.30
CA GLN F 36 -17.74 -12.01 -13.10
C GLN F 36 -18.02 -11.50 -14.51
N THR F 37 -19.26 -11.64 -14.97
CA THR F 37 -19.65 -11.14 -16.28
C THR F 37 -19.89 -9.64 -16.21
N ALA F 38 -20.61 -9.22 -15.18
CA ALA F 38 -20.91 -7.81 -14.99
C ALA F 38 -19.61 -7.03 -14.82
N SER F 39 -18.59 -7.68 -14.26
CA SER F 39 -17.31 -7.02 -14.01
C SER F 39 -16.42 -6.70 -15.20
N LYS F 40 -16.74 -7.21 -16.39
CA LYS F 40 -15.91 -6.97 -17.59
C LYS F 40 -16.26 -5.67 -18.30
N TYR F 41 -17.16 -4.90 -17.71
CA TYR F 41 -17.59 -3.65 -18.31
C TYR F 41 -17.42 -2.47 -17.37
N ASP F 42 -17.20 -1.31 -17.93
CA ASP F 42 -17.02 -0.09 -17.15
C ASP F 42 -18.41 0.41 -16.73
N ALA F 43 -19.40 0.01 -17.51
CA ALA F 43 -20.77 0.42 -17.22
C ALA F 43 -21.12 0.04 -15.78
N ASP F 44 -22.00 0.80 -15.17
CA ASP F 44 -22.40 0.50 -13.82
C ASP F 44 -23.56 -0.46 -13.92
N VAL F 45 -23.37 -1.66 -13.37
CA VAL F 45 -24.38 -2.71 -13.42
C VAL F 45 -25.11 -2.91 -12.09
N ASN F 46 -26.44 -2.83 -12.14
CA ASN F 46 -27.28 -3.01 -10.96
C ASN F 46 -28.23 -4.20 -11.06
N LEU F 47 -28.58 -4.79 -9.91
CA LEU F 47 -29.51 -5.91 -9.87
C LEU F 47 -30.53 -5.63 -8.78
N GLU F 48 -31.81 -5.62 -9.16
CA GLU F 48 -32.87 -5.35 -8.21
C GLU F 48 -33.74 -6.58 -8.01
N TYR F 49 -34.11 -6.82 -6.76
CA TYR F 49 -34.95 -7.97 -6.44
C TYR F 49 -35.80 -7.72 -5.22
N ASN F 50 -37.10 -7.61 -5.41
CA ASN F 50 -38.03 -7.41 -4.31
C ASN F 50 -37.86 -6.03 -3.68
N GLY F 51 -37.71 -5.00 -4.50
CA GLY F 51 -37.57 -3.66 -3.97
C GLY F 51 -36.13 -3.22 -3.71
N LYS F 52 -35.31 -4.12 -3.15
CA LYS F 52 -33.93 -3.77 -2.88
C LYS F 52 -33.11 -4.03 -4.16
N THR F 53 -32.04 -3.26 -4.33
CA THR F 53 -31.16 -3.40 -5.49
C THR F 53 -29.72 -3.29 -5.04
N VAL F 54 -28.86 -4.15 -5.58
CA VAL F 54 -27.46 -4.15 -5.21
C VAL F 54 -26.57 -3.90 -6.41
N ASN F 55 -25.27 -3.72 -6.16
CA ASN F 55 -24.31 -3.52 -7.24
C ASN F 55 -23.90 -4.90 -7.73
N LEU F 56 -24.27 -5.24 -8.96
CA LEU F 56 -23.99 -6.55 -9.56
C LEU F 56 -22.51 -6.92 -9.75
N LYS F 57 -21.60 -6.00 -9.44
CA LYS F 57 -20.18 -6.28 -9.56
C LYS F 57 -19.57 -6.76 -8.25
N SER F 58 -20.35 -6.71 -7.17
CA SER F 58 -19.87 -7.15 -5.85
C SER F 58 -20.73 -8.33 -5.41
N ILE F 59 -20.11 -9.51 -5.28
CA ILE F 59 -20.82 -10.72 -4.93
C ILE F 59 -21.56 -10.78 -3.59
N MET F 60 -21.00 -10.21 -2.52
CA MET F 60 -21.69 -10.24 -1.24
C MET F 60 -23.12 -9.71 -1.37
N GLY F 61 -23.26 -8.57 -2.02
CA GLY F 61 -24.58 -7.98 -2.19
C GLY F 61 -25.54 -8.87 -2.94
N VAL F 62 -25.07 -9.47 -4.03
CA VAL F 62 -25.90 -10.33 -4.87
C VAL F 62 -26.43 -11.51 -4.05
N MET F 63 -25.53 -12.20 -3.36
CA MET F 63 -25.94 -13.34 -2.55
C MET F 63 -26.83 -12.92 -1.38
N SER F 64 -26.60 -11.72 -0.86
CA SER F 64 -27.40 -11.25 0.28
C SER F 64 -28.87 -11.17 -0.08
N LEU F 65 -29.18 -10.97 -1.36
CA LEU F 65 -30.56 -10.87 -1.81
C LEU F 65 -31.31 -12.17 -1.67
N GLY F 66 -30.56 -13.29 -1.68
CA GLY F 66 -31.16 -14.60 -1.55
C GLY F 66 -32.23 -14.91 -2.58
N ILE F 67 -31.93 -14.61 -3.84
CA ILE F 67 -32.85 -14.84 -4.94
C ILE F 67 -33.19 -16.33 -5.10
N ALA F 68 -34.47 -16.67 -4.96
CA ALA F 68 -34.92 -18.06 -5.08
C ALA F 68 -35.60 -18.37 -6.42
N LYS F 69 -35.90 -19.65 -6.63
CA LYS F 69 -36.57 -20.09 -7.86
C LYS F 69 -37.91 -19.38 -7.97
N GLY F 70 -38.19 -18.85 -9.15
CA GLY F 70 -39.46 -18.15 -9.35
C GLY F 70 -39.38 -16.67 -9.10
N ALA F 71 -38.21 -16.19 -8.69
CA ALA F 71 -38.03 -14.78 -8.42
C ALA F 71 -38.00 -13.98 -9.73
N GLU F 72 -38.35 -12.70 -9.64
CA GLU F 72 -38.34 -11.84 -10.80
C GLU F 72 -37.32 -10.74 -10.52
N ILE F 73 -36.16 -10.86 -11.15
CA ILE F 73 -35.08 -9.91 -10.97
C ILE F 73 -34.94 -8.95 -12.15
N THR F 74 -34.36 -7.79 -11.91
CA THR F 74 -34.16 -6.80 -12.96
C THR F 74 -32.70 -6.34 -12.98
N ILE F 75 -32.02 -6.61 -14.10
CA ILE F 75 -30.63 -6.22 -14.27
C ILE F 75 -30.58 -4.93 -15.10
N SER F 76 -29.90 -3.92 -14.59
CA SER F 76 -29.78 -2.65 -15.30
C SER F 76 -28.33 -2.19 -15.37
N ALA F 77 -28.01 -1.34 -16.34
CA ALA F 77 -26.66 -0.83 -16.53
C ALA F 77 -26.65 0.60 -17.09
N SER F 78 -25.55 1.34 -16.90
CA SER F 78 -25.47 2.71 -17.38
C SER F 78 -24.08 3.12 -17.88
N GLY F 79 -24.02 3.56 -19.14
CA GLY F 79 -22.76 3.99 -19.71
C GLY F 79 -22.50 3.50 -21.13
N ALA F 80 -21.22 3.35 -21.45
CA ALA F 80 -20.78 2.88 -22.76
C ALA F 80 -21.20 1.43 -23.00
N ASP F 81 -20.65 0.54 -22.18
CA ASP F 81 -20.94 -0.89 -22.26
C ASP F 81 -22.42 -1.17 -22.05
N GLU F 82 -23.12 -0.19 -21.47
CA GLU F 82 -24.54 -0.29 -21.19
C GLU F 82 -25.18 -1.51 -21.88
N ASN F 83 -25.49 -1.36 -23.16
CA ASN F 83 -26.13 -2.44 -23.91
C ASN F 83 -25.28 -3.69 -24.01
N ASP F 84 -23.99 -3.51 -24.29
CA ASP F 84 -23.07 -4.63 -24.40
C ASP F 84 -23.00 -5.45 -23.12
N ALA F 85 -23.09 -4.78 -21.98
CA ALA F 85 -23.04 -5.49 -20.70
C ALA F 85 -24.33 -6.29 -20.51
N LEU F 86 -25.48 -5.69 -20.80
CA LEU F 86 -26.75 -6.38 -20.65
C LEU F 86 -26.83 -7.61 -21.55
N ASN F 87 -26.29 -7.49 -22.76
CA ASN F 87 -26.31 -8.63 -23.66
C ASN F 87 -25.54 -9.80 -23.05
N ALA F 88 -24.38 -9.52 -22.50
CA ALA F 88 -23.54 -10.54 -21.88
C ALA F 88 -24.23 -11.14 -20.65
N LEU F 89 -24.87 -10.28 -19.87
CA LEU F 89 -25.55 -10.74 -18.67
C LEU F 89 -26.73 -11.63 -19.02
N GLU F 90 -27.39 -11.33 -20.13
CA GLU F 90 -28.53 -12.13 -20.56
C GLU F 90 -28.10 -13.50 -21.06
N GLU F 91 -26.89 -13.59 -21.63
CA GLU F 91 -26.36 -14.86 -22.14
C GLU F 91 -25.87 -15.76 -20.99
N THR F 92 -25.31 -15.16 -19.95
CA THR F 92 -24.85 -15.91 -18.79
C THR F 92 -26.10 -16.45 -18.10
N MET F 93 -27.12 -15.61 -18.05
CA MET F 93 -28.38 -15.99 -17.43
C MET F 93 -28.92 -17.19 -18.20
N LYS F 94 -28.61 -17.27 -19.50
CA LYS F 94 -29.05 -18.38 -20.34
C LYS F 94 -28.06 -19.53 -20.21
N SER F 95 -26.80 -19.24 -20.48
CA SER F 95 -25.72 -20.21 -20.42
C SER F 95 -25.70 -21.06 -19.16
N GLU F 96 -25.96 -20.43 -18.01
CA GLU F 96 -25.93 -21.13 -16.73
C GLU F 96 -27.30 -21.64 -16.31
N ARG F 97 -28.27 -21.56 -17.22
CA ARG F 97 -29.63 -22.00 -16.94
C ARG F 97 -30.11 -21.41 -15.60
N LEU F 98 -29.96 -20.10 -15.45
CA LEU F 98 -30.37 -19.43 -14.20
C LEU F 98 -31.81 -18.95 -14.26
N GLY F 99 -32.33 -18.76 -15.46
CA GLY F 99 -33.69 -18.32 -15.58
C GLY F 99 -33.96 -17.50 -16.82
N GLU F 100 -35.24 -17.46 -17.20
CA GLU F 100 -35.72 -16.71 -18.35
C GLU F 100 -34.59 -16.47 -19.33
CA CA G . 1.36 16.37 1.51
CA CA H . 13.56 -9.41 -1.25
CA CA I . -15.12 -7.23 -0.87
#